data_6PEY
#
_entry.id   6PEY
#
_cell.length_a   102.747
_cell.length_b   127.744
_cell.length_c   95.456
_cell.angle_alpha   90.000
_cell.angle_beta   120.900
_cell.angle_gamma   90.000
#
_symmetry.space_group_name_H-M   'C 1 2 1'
#
loop_
_entity.id
_entity.type
_entity.pdbx_description
1 polymer 'Methylenetetrahydrofolate reductase'
2 non-polymer 'FLAVIN-ADENINE DINUCLEOTIDE'
3 water water
#
_entity_poly.entity_id   1
_entity_poly.type   'polypeptide(L)'
_entity_poly.pdbx_seq_one_letter_code
;MSFFHASQRDALNQSLAEVQGQINVSFEFFPPRTSEMEQTLWNSIDRLSSLKPKFVSVTYGANSGERDRTHSIIKGIKDR
TGLEAAPHLTCIDATPDELRTIARDYWNNGIRHIVALRGALPPGSGKPEMYASDLVTLLKEVADFDISVAAYPEVHPEAK
SAQADLLNLKRKVDAGANRAITQFFFDVESYLRFRDRCVSAGIDVEIIPGILPVSNFKQAKKFADMTNVRIPAWMAQMFD
GLDDDAETRKLVGANIAMDMVKILSREGVKDFHFYTLNRAEMSYAICHTLGVRPGLLEHHHHHH
;
_entity_poly.pdbx_strand_id   A,B,C
#
loop_
_chem_comp.id
_chem_comp.type
_chem_comp.name
_chem_comp.formula
FAD non-polymer 'FLAVIN-ADENINE DINUCLEOTIDE' 'C27 H33 N9 O15 P2'
#
# COMPACT_ATOMS: atom_id res chain seq x y z
N PHE A 4 -7.71 -4.91 -8.55
CA PHE A 4 -7.36 -5.26 -9.98
C PHE A 4 -5.91 -4.79 -10.29
N HIS A 5 -5.71 -3.51 -10.66
CA HIS A 5 -4.40 -2.88 -11.01
C HIS A 5 -3.65 -2.41 -9.75
N ALA A 6 -4.18 -2.70 -8.56
CA ALA A 6 -3.65 -2.28 -7.23
C ALA A 6 -2.62 -3.30 -6.70
N SER A 7 -2.85 -4.61 -6.89
CA SER A 7 -1.95 -5.74 -6.50
C SER A 7 -0.72 -5.78 -7.42
N GLN A 8 -0.89 -5.47 -8.72
CA GLN A 8 0.24 -5.28 -9.68
C GLN A 8 1.20 -4.19 -9.14
N ARG A 9 0.68 -3.04 -8.67
CA ARG A 9 1.46 -1.90 -8.14
C ARG A 9 2.22 -2.26 -6.83
N ASP A 10 1.56 -2.92 -5.87
CA ASP A 10 2.12 -3.35 -4.56
C ASP A 10 3.22 -4.41 -4.76
N ALA A 11 3.08 -5.29 -5.76
CA ALA A 11 4.03 -6.37 -6.11
C ALA A 11 5.30 -5.76 -6.74
N LEU A 12 5.11 -4.96 -7.80
CA LEU A 12 6.16 -4.12 -8.46
C LEU A 12 6.98 -3.34 -7.41
N ASN A 13 6.31 -2.54 -6.58
CA ASN A 13 6.97 -1.69 -5.55
C ASN A 13 7.77 -2.56 -4.57
N GLN A 14 7.16 -3.64 -4.07
CA GLN A 14 7.79 -4.55 -3.09
C GLN A 14 8.94 -5.30 -3.77
N SER A 15 8.73 -5.84 -4.98
CA SER A 15 9.75 -6.67 -5.67
C SER A 15 10.91 -5.77 -6.14
N LEU A 16 10.70 -4.45 -6.24
CA LEU A 16 11.79 -3.45 -6.47
C LEU A 16 12.59 -3.24 -5.17
N ALA A 17 11.89 -3.04 -4.04
CA ALA A 17 12.48 -2.91 -2.67
C ALA A 17 13.36 -4.12 -2.35
N GLU A 18 12.99 -5.30 -2.87
CA GLU A 18 13.68 -6.60 -2.64
C GLU A 18 14.96 -6.68 -3.52
N VAL A 19 14.91 -6.25 -4.78
CA VAL A 19 16.10 -6.20 -5.71
C VAL A 19 17.07 -5.11 -5.25
N GLN A 20 17.28 -4.91 -3.93
CA GLN A 20 18.09 -3.80 -3.34
C GLN A 20 19.55 -4.25 -3.13
N GLY A 21 20.42 -3.95 -4.12
CA GLY A 21 21.86 -4.25 -4.08
C GLY A 21 22.32 -5.09 -5.26
N GLN A 22 21.40 -5.58 -6.10
CA GLN A 22 21.68 -6.53 -7.20
C GLN A 22 21.82 -5.77 -8.53
N ILE A 23 21.83 -4.42 -8.50
CA ILE A 23 21.72 -3.55 -9.71
C ILE A 23 22.97 -2.69 -9.90
N ASN A 24 23.57 -2.76 -11.09
CA ASN A 24 24.75 -1.97 -11.52
C ASN A 24 24.27 -0.80 -12.37
N VAL A 25 24.85 0.38 -12.15
CA VAL A 25 24.45 1.62 -12.86
C VAL A 25 25.69 2.24 -13.47
N SER A 26 25.53 2.87 -14.62
CA SER A 26 26.59 3.69 -15.26
C SER A 26 26.01 5.07 -15.53
N PHE A 27 26.85 6.09 -15.47
CA PHE A 27 26.48 7.50 -15.78
C PHE A 27 27.31 7.96 -16.98
N GLU A 28 26.64 8.57 -17.97
CA GLU A 28 27.27 9.19 -19.16
C GLU A 28 27.27 10.71 -18.98
N PHE A 29 28.49 11.30 -18.99
CA PHE A 29 28.76 12.76 -18.99
C PHE A 29 29.21 13.22 -20.39
N PHE A 30 29.07 14.51 -20.67
CA PHE A 30 29.64 15.20 -21.86
C PHE A 30 30.65 16.26 -21.38
N PRO A 31 31.68 16.57 -22.20
CA PRO A 31 32.68 17.57 -21.82
C PRO A 31 32.11 18.99 -21.74
N PRO A 32 32.41 19.72 -20.65
CA PRO A 32 31.82 21.03 -20.39
C PRO A 32 32.40 22.08 -21.34
N ARG A 33 31.59 23.07 -21.70
CA ARG A 33 31.98 24.20 -22.57
C ARG A 33 32.32 25.41 -21.70
N THR A 34 31.42 25.77 -20.78
CA THR A 34 31.51 26.94 -19.87
C THR A 34 32.27 26.55 -18.59
N SER A 35 32.57 27.53 -17.73
CA SER A 35 33.26 27.38 -16.42
C SER A 35 32.25 26.91 -15.36
N GLU A 36 31.00 27.37 -15.45
CA GLU A 36 29.88 26.99 -14.55
C GLU A 36 29.57 25.51 -14.76
N MET A 37 29.53 25.06 -16.03
CA MET A 37 29.20 23.68 -16.44
C MET A 37 30.34 22.74 -16.03
N GLU A 38 31.57 23.25 -15.94
CA GLU A 38 32.76 22.49 -15.44
C GLU A 38 32.55 22.15 -13.95
N GLN A 39 32.11 23.13 -13.15
CA GLN A 39 31.86 22.97 -11.69
C GLN A 39 30.69 21.99 -11.50
N THR A 40 29.59 22.18 -12.25
CA THR A 40 28.40 21.28 -12.32
C THR A 40 28.88 19.84 -12.49
N LEU A 41 29.60 19.57 -13.58
CA LEU A 41 30.11 18.23 -13.90
C LEU A 41 30.77 17.64 -12.64
N TRP A 42 31.68 18.38 -12.01
CA TRP A 42 32.59 17.81 -10.97
C TRP A 42 31.82 17.57 -9.66
N ASN A 43 30.79 18.36 -9.38
CA ASN A 43 29.89 18.07 -8.22
C ASN A 43 29.14 16.78 -8.57
N SER A 44 28.59 16.72 -9.78
CA SER A 44 27.77 15.58 -10.27
C SER A 44 28.58 14.28 -10.14
N ILE A 45 29.82 14.30 -10.61
CA ILE A 45 30.77 13.16 -10.47
C ILE A 45 31.02 12.89 -8.98
N ASP A 46 31.12 13.92 -8.15
CA ASP A 46 31.35 13.76 -6.69
C ASP A 46 30.14 13.05 -6.07
N ARG A 47 28.93 13.58 -6.28
CA ARG A 47 27.64 12.97 -5.83
C ARG A 47 27.57 11.53 -6.36
N LEU A 48 27.53 11.36 -7.69
CA LEU A 48 27.15 10.07 -8.34
C LEU A 48 28.23 9.01 -8.14
N SER A 49 29.44 9.40 -7.73
CA SER A 49 30.52 8.43 -7.39
C SER A 49 30.09 7.64 -6.16
N SER A 50 29.56 8.32 -5.15
CA SER A 50 29.21 7.70 -3.85
C SER A 50 28.16 6.60 -4.06
N LEU A 51 27.67 6.43 -5.30
CA LEU A 51 26.74 5.35 -5.69
C LEU A 51 27.52 4.13 -6.19
N LYS A 52 28.85 4.20 -6.21
CA LYS A 52 29.75 3.11 -6.70
C LYS A 52 29.22 2.58 -8.04
N PRO A 53 29.10 3.41 -9.10
CA PRO A 53 28.69 2.93 -10.44
C PRO A 53 29.75 1.99 -11.04
N LYS A 54 29.30 0.97 -11.78
CA LYS A 54 30.20 -0.05 -12.37
C LYS A 54 31.14 0.65 -13.35
N PHE A 55 30.68 1.74 -13.98
CA PHE A 55 31.53 2.62 -14.82
C PHE A 55 30.79 3.90 -15.21
N VAL A 56 31.55 4.85 -15.74
CA VAL A 56 31.07 6.17 -16.22
C VAL A 56 31.71 6.41 -17.59
N SER A 57 30.94 6.92 -18.54
CA SER A 57 31.41 7.22 -19.92
C SER A 57 31.44 8.74 -20.10
N VAL A 58 32.30 9.21 -21.00
CA VAL A 58 32.39 10.63 -21.41
C VAL A 58 32.21 10.65 -22.92
N THR A 59 31.21 11.40 -23.40
CA THR A 59 30.92 11.55 -24.84
C THR A 59 32.13 12.22 -25.53
N TYR A 60 32.25 12.04 -26.84
CA TYR A 60 33.35 12.60 -27.67
C TYR A 60 32.79 13.84 -28.37
N GLY A 61 32.15 13.66 -29.53
CA GLY A 61 31.56 14.75 -30.33
C GLY A 61 32.32 14.96 -31.62
N ALA A 62 31.84 14.36 -32.71
CA ALA A 62 32.47 14.32 -34.05
C ALA A 62 33.00 15.70 -34.45
N ASN A 63 34.31 15.79 -34.75
CA ASN A 63 35.03 17.02 -35.21
C ASN A 63 34.81 18.16 -34.21
N SER A 64 34.84 17.86 -32.91
CA SER A 64 34.81 18.82 -31.78
C SER A 64 36.23 19.34 -31.51
N GLY A 65 37.25 18.52 -31.80
CA GLY A 65 38.67 18.83 -31.58
C GLY A 65 39.05 18.80 -30.10
N GLU A 66 38.06 18.62 -29.20
CA GLU A 66 38.23 18.57 -27.72
C GLU A 66 38.22 17.10 -27.25
N ARG A 67 39.03 16.25 -27.90
CA ARG A 67 39.51 14.94 -27.40
C ARG A 67 40.50 15.17 -26.25
N ASP A 68 41.12 16.37 -26.22
CA ASP A 68 41.97 16.87 -25.11
C ASP A 68 41.05 17.39 -23.99
N ARG A 69 39.75 17.59 -24.30
CA ARG A 69 38.66 17.85 -23.31
C ARG A 69 38.21 16.51 -22.71
N THR A 70 38.00 15.49 -23.55
CA THR A 70 37.57 14.11 -23.19
C THR A 70 38.67 13.42 -22.36
N HIS A 71 39.89 13.31 -22.92
CA HIS A 71 41.05 12.58 -22.33
C HIS A 71 41.33 13.15 -20.93
N SER A 72 41.32 14.48 -20.79
CA SER A 72 41.57 15.19 -19.51
C SER A 72 40.51 14.75 -18.49
N ILE A 73 39.23 14.87 -18.85
CA ILE A 73 38.07 14.49 -17.99
C ILE A 73 38.26 13.03 -17.55
N ILE A 74 38.50 12.12 -18.50
CA ILE A 74 38.66 10.66 -18.25
C ILE A 74 39.76 10.48 -17.19
N LYS A 75 40.83 11.29 -17.27
CA LYS A 75 41.94 11.31 -16.28
C LYS A 75 41.38 11.83 -14.95
N GLY A 76 40.92 13.09 -14.93
CA GLY A 76 40.36 13.77 -13.74
C GLY A 76 39.41 12.88 -12.94
N ILE A 77 38.54 12.17 -13.64
CA ILE A 77 37.61 11.14 -13.07
C ILE A 77 38.45 10.02 -12.47
N LYS A 78 39.38 9.45 -13.25
CA LYS A 78 40.19 8.27 -12.85
C LYS A 78 41.00 8.60 -11.60
N ASP A 79 41.34 9.89 -11.37
CA ASP A 79 42.20 10.34 -10.25
C ASP A 79 41.34 10.80 -9.06
N ARG A 80 40.36 11.67 -9.30
CA ARG A 80 39.48 12.26 -8.25
C ARG A 80 38.78 11.12 -7.47
N THR A 81 38.27 10.11 -8.20
CA THR A 81 37.27 9.11 -7.73
C THR A 81 37.84 7.69 -7.74
N GLY A 82 38.67 7.35 -8.73
CA GLY A 82 39.17 5.97 -8.93
C GLY A 82 38.09 5.07 -9.51
N LEU A 83 37.17 5.64 -10.29
CA LEU A 83 36.12 4.90 -11.02
C LEU A 83 36.64 4.56 -12.42
N GLU A 84 36.27 3.38 -12.95
CA GLU A 84 36.48 2.98 -14.37
C GLU A 84 35.73 3.96 -15.27
N ALA A 85 36.44 4.96 -15.82
CA ALA A 85 35.94 5.94 -16.82
C ALA A 85 36.12 5.35 -18.22
N ALA A 86 35.09 5.39 -19.06
CA ALA A 86 35.05 4.72 -20.38
C ALA A 86 34.79 5.76 -21.47
N PRO A 87 35.82 6.18 -22.23
CA PRO A 87 35.63 7.25 -23.23
C PRO A 87 34.91 6.75 -24.48
N HIS A 88 34.21 7.65 -25.16
CA HIS A 88 33.58 7.42 -26.48
C HIS A 88 34.62 7.72 -27.57
N LEU A 89 34.77 6.81 -28.53
CA LEU A 89 35.77 6.90 -29.63
C LEU A 89 35.03 6.68 -30.95
N THR A 90 35.17 7.62 -31.89
CA THR A 90 34.47 7.60 -33.19
C THR A 90 35.47 7.27 -34.30
N CYS A 91 35.00 7.24 -35.55
CA CYS A 91 35.80 7.08 -36.80
C CYS A 91 35.65 8.33 -37.68
N ILE A 92 35.84 9.51 -37.10
CA ILE A 92 35.57 10.81 -37.77
C ILE A 92 36.82 11.69 -37.66
N ASP A 93 37.39 12.11 -38.79
CA ASP A 93 38.64 12.92 -38.87
C ASP A 93 39.78 12.10 -38.26
N ALA A 94 39.74 10.77 -38.44
CA ALA A 94 40.70 9.81 -37.83
C ALA A 94 40.99 8.66 -38.80
N THR A 95 42.26 8.32 -38.96
CA THR A 95 42.77 7.25 -39.83
C THR A 95 43.07 6.04 -38.97
N PRO A 96 42.80 4.81 -39.44
CA PRO A 96 43.16 3.60 -38.70
C PRO A 96 44.54 3.68 -37.99
N ASP A 97 45.51 4.37 -38.59
CA ASP A 97 46.87 4.56 -38.01
C ASP A 97 46.74 5.25 -36.65
N GLU A 98 46.09 6.43 -36.62
CA GLU A 98 45.92 7.32 -35.44
C GLU A 98 45.27 6.58 -34.26
N LEU A 99 44.21 5.82 -34.54
CA LEU A 99 43.31 5.22 -33.52
C LEU A 99 44.08 4.19 -32.69
N ARG A 100 44.89 3.34 -33.34
CA ARG A 100 45.78 2.36 -32.66
C ARG A 100 46.62 3.09 -31.61
N THR A 101 47.14 4.27 -31.98
CA THR A 101 47.96 5.13 -31.08
C THR A 101 47.05 5.57 -29.93
N ILE A 102 45.89 6.17 -30.26
CA ILE A 102 44.89 6.66 -29.26
C ILE A 102 44.65 5.54 -28.26
N ALA A 103 44.37 4.32 -28.78
CA ALA A 103 44.10 3.09 -28.02
C ALA A 103 45.28 2.75 -27.09
N ARG A 104 46.52 2.72 -27.59
CA ARG A 104 47.72 2.40 -26.77
C ARG A 104 47.99 3.56 -25.79
N ASP A 105 47.73 4.82 -26.18
CA ASP A 105 47.81 6.01 -25.29
C ASP A 105 46.87 5.79 -24.10
N TYR A 106 45.60 5.48 -24.38
CA TYR A 106 44.54 5.14 -23.39
C TYR A 106 44.95 3.92 -22.55
N TRP A 107 45.16 2.74 -23.17
CA TRP A 107 45.34 1.44 -22.46
C TRP A 107 46.47 1.54 -21.42
N ASN A 108 47.53 2.31 -21.71
CA ASN A 108 48.75 2.41 -20.88
C ASN A 108 48.57 3.49 -19.78
N ASN A 109 47.59 4.37 -19.92
CA ASN A 109 47.17 5.36 -18.87
C ASN A 109 46.15 4.71 -17.93
N GLY A 110 45.69 3.49 -18.23
CA GLY A 110 44.79 2.68 -17.38
C GLY A 110 43.41 2.47 -17.99
N ILE A 111 43.07 3.22 -19.05
CA ILE A 111 41.72 3.24 -19.69
C ILE A 111 41.52 1.94 -20.48
N ARG A 112 40.89 0.94 -19.83
CA ARG A 112 40.78 -0.47 -20.26
C ARG A 112 39.37 -0.77 -20.80
N HIS A 113 38.51 0.25 -20.91
CA HIS A 113 37.09 0.17 -21.39
C HIS A 113 36.83 1.35 -22.31
N ILE A 114 36.39 1.10 -23.56
CA ILE A 114 36.07 2.15 -24.56
C ILE A 114 34.69 1.88 -25.16
N VAL A 115 33.94 2.96 -25.41
CA VAL A 115 32.64 2.88 -26.12
C VAL A 115 32.88 3.15 -27.61
N ALA A 116 32.87 2.09 -28.41
CA ALA A 116 33.09 2.09 -29.88
C ALA A 116 31.82 2.50 -30.60
N LEU A 117 31.73 3.79 -30.93
CA LEU A 117 30.70 4.35 -31.84
C LEU A 117 31.35 4.63 -33.19
N ARG A 118 30.54 4.97 -34.20
CA ARG A 118 31.04 5.35 -35.54
C ARG A 118 31.22 6.86 -35.55
N GLY A 119 30.22 7.59 -35.04
CA GLY A 119 30.18 9.07 -34.97
C GLY A 119 29.31 9.65 -36.06
N ALA A 120 28.71 10.82 -35.83
CA ALA A 120 27.84 11.52 -36.79
C ALA A 120 28.67 12.42 -37.71
N LEU A 121 28.72 12.11 -39.01
CA LEU A 121 29.26 13.00 -40.08
C LEU A 121 28.70 12.62 -41.46
N PRO A 122 27.36 12.54 -41.64
CA PRO A 122 26.75 12.22 -42.94
C PRO A 122 27.18 13.16 -44.08
N PRO A 123 26.86 12.83 -45.36
CA PRO A 123 27.46 13.48 -46.53
C PRO A 123 27.82 14.98 -46.43
N GLY A 124 28.67 15.34 -45.47
CA GLY A 124 28.97 16.75 -45.13
C GLY A 124 29.44 16.89 -43.68
N GLU A 129 32.13 5.11 -44.17
CA GLU A 129 33.57 5.05 -44.59
C GLU A 129 34.20 3.83 -43.90
N MET A 130 34.59 3.97 -42.63
CA MET A 130 35.00 2.89 -41.70
C MET A 130 33.94 2.76 -40.60
N TYR A 131 33.38 1.55 -40.40
CA TYR A 131 32.23 1.30 -39.50
C TYR A 131 32.69 0.77 -38.13
N ALA A 132 31.79 0.88 -37.13
CA ALA A 132 32.08 0.62 -35.70
C ALA A 132 32.57 -0.81 -35.54
N SER A 133 31.87 -1.79 -36.13
CA SER A 133 32.28 -3.21 -36.23
C SER A 133 33.79 -3.28 -36.49
N ASP A 134 34.28 -2.54 -37.50
CA ASP A 134 35.73 -2.42 -37.84
C ASP A 134 36.47 -1.85 -36.63
N LEU A 135 36.03 -0.68 -36.14
CA LEU A 135 36.69 0.03 -35.00
C LEU A 135 36.75 -0.91 -33.80
N VAL A 136 35.72 -1.73 -33.61
CA VAL A 136 35.75 -2.81 -32.58
C VAL A 136 36.93 -3.71 -32.91
N THR A 137 36.88 -4.44 -34.04
CA THR A 137 37.89 -5.44 -34.50
C THR A 137 39.28 -4.85 -34.40
N LEU A 138 39.46 -3.62 -34.89
CA LEU A 138 40.67 -2.77 -34.70
C LEU A 138 41.07 -2.76 -33.21
N LEU A 139 40.17 -2.30 -32.34
CA LEU A 139 40.47 -2.08 -30.90
C LEU A 139 40.81 -3.40 -30.20
N LYS A 140 40.14 -4.51 -30.55
CA LYS A 140 40.25 -5.79 -29.81
C LYS A 140 41.52 -6.53 -30.28
N GLU A 141 42.22 -6.03 -31.30
CA GLU A 141 43.57 -6.56 -31.70
C GLU A 141 44.68 -5.56 -31.31
N VAL A 142 44.34 -4.36 -30.81
CA VAL A 142 45.31 -3.47 -30.11
C VAL A 142 45.50 -3.99 -28.69
N ALA A 143 44.45 -4.59 -28.09
CA ALA A 143 44.44 -5.15 -26.72
C ALA A 143 43.05 -5.72 -26.41
N ASP A 144 42.95 -6.55 -25.36
CA ASP A 144 41.71 -7.19 -24.85
C ASP A 144 40.87 -6.15 -24.08
N PHE A 145 40.43 -5.09 -24.76
CA PHE A 145 39.61 -3.99 -24.19
C PHE A 145 38.26 -4.52 -23.73
N ASP A 146 37.66 -3.86 -22.73
CA ASP A 146 36.19 -3.83 -22.51
C ASP A 146 35.61 -2.87 -23.55
N ILE A 147 34.68 -3.35 -24.38
CA ILE A 147 34.08 -2.52 -25.48
C ILE A 147 32.56 -2.54 -25.30
N SER A 148 31.97 -1.36 -25.19
CA SER A 148 30.51 -1.13 -25.35
C SER A 148 30.25 -0.59 -26.75
N VAL A 149 29.08 -0.91 -27.32
CA VAL A 149 28.58 -0.36 -28.62
C VAL A 149 27.17 0.22 -28.44
N ALA A 150 26.73 1.11 -29.32
CA ALA A 150 25.36 1.65 -29.32
C ALA A 150 24.42 0.61 -29.91
N ALA A 151 23.19 0.55 -29.39
CA ALA A 151 22.06 -0.19 -29.98
C ALA A 151 20.88 0.77 -30.08
N TYR A 152 20.03 0.57 -31.08
CA TYR A 152 18.91 1.49 -31.45
C TYR A 152 17.65 0.65 -31.46
N PRO A 153 16.92 0.60 -30.32
CA PRO A 153 15.71 -0.22 -30.23
C PRO A 153 14.64 0.20 -31.24
N GLU A 154 14.64 1.48 -31.66
CA GLU A 154 13.62 2.06 -32.59
C GLU A 154 14.25 2.28 -33.97
N VAL A 155 15.44 1.73 -34.19
CA VAL A 155 16.16 1.62 -35.49
C VAL A 155 16.92 2.93 -35.74
N HIS A 156 18.23 2.85 -35.91
CA HIS A 156 19.11 4.00 -36.24
C HIS A 156 18.58 4.73 -37.48
N PRO A 157 18.59 6.09 -37.53
CA PRO A 157 17.92 6.85 -38.59
C PRO A 157 18.29 6.53 -40.04
N GLU A 158 19.55 6.13 -40.30
CA GLU A 158 20.12 5.94 -41.66
C GLU A 158 20.11 4.44 -42.04
N ALA A 159 19.69 3.56 -41.14
CA ALA A 159 19.64 2.09 -41.39
C ALA A 159 18.59 1.83 -42.48
N LYS A 160 18.97 1.04 -43.50
CA LYS A 160 18.12 0.63 -44.65
C LYS A 160 16.81 0.05 -44.12
N SER A 161 16.88 -0.75 -43.06
CA SER A 161 15.73 -1.34 -42.33
C SER A 161 16.16 -1.89 -40.97
N ALA A 162 15.18 -2.30 -40.16
CA ALA A 162 15.36 -2.87 -38.81
C ALA A 162 16.28 -4.09 -38.89
N GLN A 163 16.02 -4.97 -39.87
CA GLN A 163 16.74 -6.26 -40.05
C GLN A 163 18.24 -6.00 -40.18
N ALA A 164 18.65 -5.11 -41.09
CA ALA A 164 20.05 -4.65 -41.25
C ALA A 164 20.60 -4.21 -39.90
N ASP A 165 19.95 -3.20 -39.29
CA ASP A 165 20.40 -2.54 -38.03
C ASP A 165 20.66 -3.61 -36.97
N LEU A 166 19.74 -4.56 -36.81
CA LEU A 166 19.88 -5.69 -35.85
C LEU A 166 21.14 -6.49 -36.20
N LEU A 167 21.23 -6.92 -37.47
CA LEU A 167 22.39 -7.67 -38.02
C LEU A 167 23.69 -6.87 -37.81
N ASN A 168 23.64 -5.53 -37.97
CA ASN A 168 24.80 -4.64 -37.67
C ASN A 168 25.20 -4.84 -36.20
N LEU A 169 24.24 -4.80 -35.27
CA LEU A 169 24.56 -5.02 -33.83
C LEU A 169 25.15 -6.42 -33.69
N LYS A 170 24.61 -7.44 -34.37
CA LYS A 170 25.23 -8.79 -34.25
C LYS A 170 26.72 -8.65 -34.59
N ARG A 171 27.00 -8.05 -35.74
CA ARG A 171 28.36 -7.86 -36.30
C ARG A 171 29.31 -7.25 -35.25
N LYS A 172 28.86 -6.20 -34.55
CA LYS A 172 29.65 -5.45 -33.53
C LYS A 172 29.96 -6.34 -32.34
N VAL A 173 29.05 -7.24 -32.00
CA VAL A 173 29.20 -8.17 -30.86
C VAL A 173 30.10 -9.30 -31.32
N ASP A 174 29.86 -9.80 -32.55
CA ASP A 174 30.66 -10.85 -33.21
C ASP A 174 32.13 -10.37 -33.24
N ALA A 175 32.34 -9.11 -33.64
CA ALA A 175 33.65 -8.42 -33.60
C ALA A 175 34.26 -8.47 -32.19
N GLY A 176 33.46 -8.36 -31.11
CA GLY A 176 33.95 -8.60 -29.73
C GLY A 176 33.50 -7.57 -28.70
N ALA A 177 32.41 -6.86 -28.96
CA ALA A 177 31.77 -5.96 -27.97
C ALA A 177 31.16 -6.81 -26.85
N ASN A 178 31.34 -6.40 -25.59
CA ASN A 178 30.71 -7.00 -24.37
C ASN A 178 29.28 -6.50 -24.17
N ARG A 179 29.06 -5.18 -24.23
CA ARG A 179 27.77 -4.53 -23.86
C ARG A 179 27.25 -3.70 -25.02
N ALA A 180 25.94 -3.75 -25.25
CA ALA A 180 25.21 -2.77 -26.07
C ALA A 180 24.44 -1.86 -25.12
N ILE A 181 24.73 -0.57 -25.18
CA ILE A 181 23.97 0.48 -24.46
C ILE A 181 22.96 1.09 -25.43
N THR A 182 21.66 1.04 -25.11
CA THR A 182 20.62 1.46 -26.08
C THR A 182 20.61 2.98 -26.14
N GLN A 183 20.08 3.51 -27.23
CA GLN A 183 19.54 4.89 -27.28
C GLN A 183 18.50 4.97 -26.16
N PHE A 184 18.27 6.14 -25.59
CA PHE A 184 17.10 6.35 -24.71
C PHE A 184 15.82 6.10 -25.53
N PHE A 185 14.73 5.77 -24.81
CA PHE A 185 13.40 5.38 -25.34
C PHE A 185 12.35 5.73 -24.28
N PHE A 186 11.10 5.99 -24.69
CA PHE A 186 9.99 6.39 -23.80
C PHE A 186 8.91 5.30 -23.78
N ASP A 187 8.85 4.50 -24.84
CA ASP A 187 8.02 3.27 -24.90
C ASP A 187 8.88 2.09 -24.44
N VAL A 188 8.59 1.53 -23.25
CA VAL A 188 9.28 0.34 -22.71
C VAL A 188 9.09 -0.85 -23.66
N GLU A 189 7.87 -1.03 -24.15
CA GLU A 189 7.47 -2.09 -25.11
C GLU A 189 8.52 -2.16 -26.23
N SER A 190 8.79 -1.02 -26.89
CA SER A 190 9.91 -0.85 -27.85
C SER A 190 11.09 -1.69 -27.37
N TYR A 191 11.66 -1.34 -26.21
CA TYR A 191 12.91 -1.96 -25.67
C TYR A 191 12.73 -3.46 -25.47
N LEU A 192 11.69 -3.88 -24.73
CA LEU A 192 11.44 -5.31 -24.40
C LEU A 192 11.45 -6.16 -25.68
N ARG A 193 10.67 -5.78 -26.69
CA ARG A 193 10.61 -6.46 -28.01
C ARG A 193 12.03 -6.61 -28.57
N PHE A 194 12.77 -5.50 -28.60
CA PHE A 194 14.11 -5.36 -29.21
C PHE A 194 15.08 -6.36 -28.56
N ARG A 195 15.05 -6.43 -27.23
CA ARG A 195 15.90 -7.34 -26.43
C ARG A 195 15.57 -8.80 -26.79
N ASP A 196 14.34 -9.07 -27.18
CA ASP A 196 13.85 -10.44 -27.51
C ASP A 196 14.31 -10.80 -28.92
N ARG A 197 14.21 -9.87 -29.87
CA ARG A 197 14.82 -10.01 -31.21
C ARG A 197 16.32 -10.31 -31.07
N CYS A 198 17.05 -9.56 -30.25
CA CYS A 198 18.52 -9.74 -30.13
C CYS A 198 18.80 -11.22 -29.90
N VAL A 199 18.10 -11.83 -28.96
CA VAL A 199 18.44 -13.20 -28.50
C VAL A 199 17.95 -14.19 -29.55
N SER A 200 16.86 -13.87 -30.25
CA SER A 200 16.34 -14.62 -31.43
C SER A 200 17.51 -14.81 -32.39
N ALA A 201 18.12 -13.66 -32.76
CA ALA A 201 19.11 -13.46 -33.83
C ALA A 201 20.49 -13.68 -33.26
N GLY A 202 20.58 -14.33 -32.11
CA GLY A 202 21.84 -14.93 -31.60
C GLY A 202 22.89 -13.90 -31.21
N ILE A 203 22.47 -12.75 -30.70
CA ILE A 203 23.38 -11.72 -30.11
C ILE A 203 23.44 -12.00 -28.59
N ASP A 204 24.61 -12.38 -28.08
CA ASP A 204 24.78 -12.96 -26.71
C ASP A 204 25.22 -11.92 -25.66
N VAL A 205 24.88 -10.63 -25.80
CA VAL A 205 25.39 -9.57 -24.88
C VAL A 205 24.24 -8.92 -24.14
N GLU A 206 24.55 -8.23 -23.02
CA GLU A 206 23.55 -7.46 -22.24
C GLU A 206 23.15 -6.22 -23.04
N ILE A 207 21.85 -6.08 -23.34
CA ILE A 207 21.28 -4.88 -24.01
C ILE A 207 20.91 -3.88 -22.91
N ILE A 208 21.91 -3.21 -22.31
CA ILE A 208 21.73 -2.22 -21.22
C ILE A 208 20.90 -1.04 -21.70
N PRO A 209 19.74 -0.76 -21.07
CA PRO A 209 18.88 0.33 -21.52
C PRO A 209 19.52 1.67 -21.14
N GLY A 210 19.46 2.60 -22.08
CA GLY A 210 19.76 4.03 -21.86
C GLY A 210 18.54 4.73 -21.30
N ILE A 211 18.68 5.30 -20.11
CA ILE A 211 17.59 6.08 -19.45
C ILE A 211 17.95 7.55 -19.62
N LEU A 212 17.02 8.33 -20.16
CA LEU A 212 17.12 9.81 -20.17
C LEU A 212 16.06 10.38 -19.24
N PRO A 213 16.45 10.82 -18.02
CA PRO A 213 15.54 11.53 -17.14
C PRO A 213 15.26 12.89 -17.79
N VAL A 214 13.99 13.17 -18.09
CA VAL A 214 13.55 14.38 -18.83
C VAL A 214 13.06 15.45 -17.84
N SER A 215 13.90 16.44 -17.56
CA SER A 215 13.50 17.71 -16.88
C SER A 215 13.13 18.72 -17.97
N ASN A 216 13.94 18.82 -19.03
CA ASN A 216 13.73 19.77 -20.15
C ASN A 216 13.15 18.98 -21.35
N PHE A 217 11.86 19.17 -21.63
CA PHE A 217 11.13 18.45 -22.71
C PHE A 217 11.43 19.06 -24.08
N LYS A 218 11.54 20.39 -24.13
CA LYS A 218 11.86 21.13 -25.38
C LYS A 218 13.15 20.54 -25.94
N GLN A 219 14.17 20.37 -25.08
CA GLN A 219 15.50 19.79 -25.41
C GLN A 219 15.36 18.31 -25.78
N ALA A 220 14.59 17.54 -24.99
CA ALA A 220 14.38 16.09 -25.21
C ALA A 220 13.64 15.89 -26.53
N LYS A 221 12.51 16.60 -26.72
CA LYS A 221 11.73 16.62 -27.99
C LYS A 221 12.69 16.84 -29.17
N LYS A 222 13.69 17.71 -29.01
CA LYS A 222 14.75 18.00 -30.01
C LYS A 222 15.54 16.70 -30.24
N PHE A 223 16.28 16.23 -29.22
CA PHE A 223 17.16 15.03 -29.25
C PHE A 223 16.47 13.83 -29.90
N ALA A 224 15.15 13.72 -29.76
CA ALA A 224 14.34 12.57 -30.18
C ALA A 224 14.07 12.60 -31.69
N ASP A 225 13.79 13.78 -32.26
CA ASP A 225 13.50 13.95 -33.72
C ASP A 225 14.74 13.62 -34.54
N MET A 226 15.92 14.01 -34.03
CA MET A 226 17.27 13.74 -34.62
C MET A 226 17.55 12.24 -34.68
N THR A 227 17.30 11.51 -33.60
CA THR A 227 17.73 10.10 -33.40
C THR A 227 16.57 9.15 -33.72
N ASN A 228 15.41 9.68 -34.14
CA ASN A 228 14.28 8.87 -34.66
C ASN A 228 13.70 8.00 -33.53
N VAL A 229 13.48 8.62 -32.37
CA VAL A 229 13.01 7.98 -31.09
C VAL A 229 11.58 8.47 -30.84
N ARG A 230 10.57 7.57 -30.84
CA ARG A 230 9.15 7.97 -30.72
C ARG A 230 8.90 8.55 -29.32
N ILE A 231 8.31 9.75 -29.31
CA ILE A 231 7.74 10.45 -28.12
C ILE A 231 6.26 10.07 -28.04
N PRO A 232 5.86 9.14 -27.14
CA PRO A 232 4.47 8.71 -27.02
C PRO A 232 3.49 9.87 -26.79
N ALA A 233 2.25 9.64 -27.24
CA ALA A 233 1.09 10.54 -27.01
C ALA A 233 1.10 11.00 -25.56
N TRP A 234 0.78 10.10 -24.62
CA TRP A 234 0.67 10.38 -23.17
C TRP A 234 1.77 11.39 -22.78
N MET A 235 2.99 11.21 -23.28
CA MET A 235 4.20 11.91 -22.76
C MET A 235 4.21 13.37 -23.18
N ALA A 236 3.61 13.71 -24.34
CA ALA A 236 3.50 15.11 -24.81
C ALA A 236 2.47 15.85 -23.95
N GLN A 237 1.26 15.28 -23.84
CA GLN A 237 0.20 15.76 -22.92
C GLN A 237 0.75 15.94 -21.50
N MET A 238 1.69 15.09 -21.09
CA MET A 238 2.18 15.02 -19.70
C MET A 238 3.02 16.27 -19.41
N PHE A 239 3.73 16.74 -20.43
CA PHE A 239 4.68 17.87 -20.31
C PHE A 239 4.04 19.15 -20.84
N ASP A 240 3.01 18.99 -21.66
CA ASP A 240 2.18 20.10 -22.14
C ASP A 240 1.89 21.04 -20.96
N GLY A 241 2.35 22.28 -21.05
CA GLY A 241 1.87 23.35 -20.18
C GLY A 241 2.89 23.73 -19.13
N LEU A 242 3.96 22.94 -18.99
CA LEU A 242 4.97 23.12 -17.93
C LEU A 242 6.18 23.92 -18.44
N ASP A 243 6.02 24.77 -19.45
CA ASP A 243 7.16 25.37 -20.19
C ASP A 243 7.99 26.26 -19.25
N ASP A 244 7.35 27.05 -18.38
CA ASP A 244 8.03 28.02 -17.45
C ASP A 244 8.25 27.36 -16.07
N ASP A 245 7.63 26.21 -15.86
CA ASP A 245 7.46 25.54 -14.53
C ASP A 245 8.46 24.39 -14.39
N ALA A 246 9.69 24.64 -13.98
CA ALA A 246 10.79 23.64 -13.98
C ALA A 246 10.68 22.67 -12.79
N GLU A 247 10.20 23.13 -11.62
CA GLU A 247 9.97 22.24 -10.45
C GLU A 247 8.99 21.13 -10.85
N THR A 248 7.82 21.48 -11.40
CA THR A 248 6.78 20.51 -11.84
C THR A 248 7.36 19.62 -12.93
N ARG A 249 8.09 20.17 -13.90
CA ARG A 249 8.72 19.37 -14.98
C ARG A 249 9.62 18.31 -14.35
N LYS A 250 10.37 18.66 -13.29
CA LYS A 250 11.35 17.74 -12.65
C LYS A 250 10.62 16.58 -11.97
N LEU A 251 9.46 16.79 -11.36
CA LEU A 251 8.70 15.73 -10.65
C LEU A 251 8.05 14.81 -11.69
N VAL A 252 7.46 15.40 -12.73
CA VAL A 252 6.74 14.70 -13.82
C VAL A 252 7.74 13.82 -14.59
N GLY A 253 9.00 14.23 -14.65
CA GLY A 253 10.06 13.51 -15.38
C GLY A 253 10.66 12.39 -14.54
N ALA A 254 10.86 12.65 -13.26
CA ALA A 254 11.45 11.70 -12.29
C ALA A 254 10.49 10.52 -12.19
N ASN A 255 9.20 10.84 -12.22
CA ASN A 255 8.08 9.89 -12.12
C ASN A 255 8.17 8.96 -13.32
N ILE A 256 8.32 9.55 -14.51
CA ILE A 256 8.35 8.80 -15.80
C ILE A 256 9.56 7.89 -15.78
N ALA A 257 10.73 8.39 -15.38
CA ALA A 257 11.96 7.55 -15.30
C ALA A 257 11.74 6.44 -14.28
N MET A 258 11.36 6.83 -13.06
CA MET A 258 11.13 5.90 -11.92
C MET A 258 10.13 4.82 -12.34
N ASP A 259 9.05 5.16 -13.05
CA ASP A 259 8.05 4.15 -13.48
C ASP A 259 8.73 3.16 -14.43
N MET A 260 9.53 3.68 -15.36
CA MET A 260 10.17 2.90 -16.44
C MET A 260 11.19 1.92 -15.83
N VAL A 261 12.06 2.43 -14.96
CA VAL A 261 13.14 1.59 -14.36
C VAL A 261 12.50 0.56 -13.42
N LYS A 262 11.32 0.84 -12.87
CA LYS A 262 10.58 -0.11 -12.00
C LYS A 262 10.10 -1.28 -12.87
N ILE A 263 9.51 -0.99 -14.03
CA ILE A 263 8.97 -1.98 -15.00
C ILE A 263 10.13 -2.78 -15.60
N LEU A 264 11.19 -2.09 -16.02
CA LEU A 264 12.39 -2.73 -16.62
C LEU A 264 13.02 -3.66 -15.58
N SER A 265 12.96 -3.29 -14.30
CA SER A 265 13.61 -4.03 -13.19
C SER A 265 12.89 -5.38 -12.99
N ARG A 266 11.56 -5.33 -12.97
CA ARG A 266 10.66 -6.49 -12.87
C ARG A 266 10.94 -7.42 -14.05
N GLU A 267 11.25 -6.87 -15.22
CA GLU A 267 11.43 -7.63 -16.48
C GLU A 267 12.80 -8.30 -16.56
N GLY A 268 13.69 -8.08 -15.60
CA GLY A 268 14.99 -8.78 -15.51
C GLY A 268 16.17 -7.83 -15.46
N VAL A 269 16.00 -6.63 -16.03
CA VAL A 269 17.11 -5.65 -16.22
C VAL A 269 17.75 -5.36 -14.87
N LYS A 270 19.04 -5.67 -14.74
CA LYS A 270 19.88 -5.51 -13.52
C LYS A 270 21.01 -4.53 -13.85
N ASP A 271 20.98 -3.87 -15.01
CA ASP A 271 22.01 -2.87 -15.42
C ASP A 271 21.31 -1.67 -16.06
N PHE A 272 21.68 -0.46 -15.64
CA PHE A 272 21.12 0.81 -16.19
C PHE A 272 22.24 1.78 -16.52
N HIS A 273 22.03 2.58 -17.57
CA HIS A 273 22.97 3.62 -18.08
C HIS A 273 22.22 4.96 -18.17
N PHE A 274 22.68 5.94 -17.38
CA PHE A 274 21.99 7.24 -17.21
C PHE A 274 22.69 8.33 -18.04
N TYR A 275 21.95 8.86 -19.02
CA TYR A 275 22.32 10.06 -19.79
C TYR A 275 22.11 11.28 -18.90
N THR A 276 23.07 11.58 -18.01
CA THR A 276 22.94 12.53 -16.88
C THR A 276 22.76 13.97 -17.39
N LEU A 277 23.34 14.31 -18.55
CA LEU A 277 23.48 15.70 -19.04
C LEU A 277 24.22 16.54 -17.98
N ASN A 278 25.17 15.91 -17.30
CA ASN A 278 26.13 16.48 -16.29
C ASN A 278 25.39 16.96 -15.05
N ARG A 279 24.10 16.63 -14.91
CA ARG A 279 23.19 17.03 -13.80
C ARG A 279 22.88 15.75 -12.98
N ALA A 280 23.17 15.76 -11.68
CA ALA A 280 23.22 14.56 -10.82
C ALA A 280 21.88 14.24 -10.15
N GLU A 281 21.01 15.21 -9.90
CA GLU A 281 19.87 14.99 -8.98
C GLU A 281 18.94 13.93 -9.54
N MET A 282 18.32 14.15 -10.72
CA MET A 282 17.30 13.20 -11.23
C MET A 282 17.86 11.78 -11.18
N SER A 283 19.02 11.55 -11.79
CA SER A 283 19.69 10.23 -11.82
C SER A 283 19.79 9.63 -10.41
N TYR A 284 20.45 10.34 -9.49
CA TYR A 284 20.67 9.93 -8.07
C TYR A 284 19.36 9.48 -7.39
N ALA A 285 18.30 10.25 -7.60
CA ALA A 285 16.94 9.96 -7.09
C ALA A 285 16.42 8.65 -7.69
N ILE A 286 16.44 8.52 -9.01
CA ILE A 286 16.03 7.28 -9.75
C ILE A 286 16.87 6.10 -9.21
N CYS A 287 18.19 6.27 -9.14
CA CYS A 287 19.09 5.25 -8.57
C CYS A 287 18.64 4.92 -7.14
N HIS A 288 18.24 5.92 -6.35
CA HIS A 288 17.68 5.69 -4.99
C HIS A 288 16.55 4.66 -5.05
N THR A 289 15.60 4.82 -5.97
CA THR A 289 14.44 3.90 -6.14
C THR A 289 14.89 2.49 -6.55
N LEU A 290 16.04 2.33 -7.20
CA LEU A 290 16.59 1.01 -7.62
C LEU A 290 17.43 0.41 -6.48
N GLY A 291 17.40 0.99 -5.29
CA GLY A 291 18.21 0.54 -4.15
C GLY A 291 19.71 0.73 -4.35
N VAL A 292 20.11 1.68 -5.20
CA VAL A 292 21.56 2.03 -5.38
C VAL A 292 21.82 3.29 -4.55
N ARG A 293 22.58 3.14 -3.46
CA ARG A 293 22.63 4.11 -2.34
C ARG A 293 24.00 4.04 -1.66
N PRO A 294 24.51 5.16 -1.09
CA PRO A 294 25.86 5.20 -0.53
C PRO A 294 26.26 4.00 0.35
N PHE B 3 1.26 -10.54 -14.34
CA PHE B 3 0.74 -11.92 -14.26
C PHE B 3 -0.31 -11.96 -13.15
N PHE B 4 -1.59 -11.86 -13.56
CA PHE B 4 -2.77 -11.64 -12.66
C PHE B 4 -2.58 -12.45 -11.38
N HIS B 5 -2.65 -13.77 -11.49
CA HIS B 5 -2.70 -14.74 -10.35
C HIS B 5 -1.38 -14.79 -9.58
N ALA B 6 -0.25 -14.51 -10.24
CA ALA B 6 1.09 -14.51 -9.59
C ALA B 6 1.20 -13.28 -8.68
N SER B 7 0.74 -12.12 -9.17
CA SER B 7 0.80 -10.79 -8.50
C SER B 7 -0.10 -10.74 -7.26
N GLN B 8 -1.33 -11.27 -7.34
CA GLN B 8 -2.31 -11.29 -6.21
C GLN B 8 -1.72 -12.11 -5.05
N ARG B 9 -0.87 -13.09 -5.34
CA ARG B 9 -0.24 -13.99 -4.33
C ARG B 9 0.81 -13.22 -3.55
N ASP B 10 1.78 -12.60 -4.23
CA ASP B 10 2.91 -11.87 -3.58
C ASP B 10 2.33 -10.75 -2.72
N ALA B 11 1.20 -10.18 -3.17
CA ALA B 11 0.54 -9.00 -2.58
C ALA B 11 -0.15 -9.43 -1.28
N LEU B 12 -1.06 -10.43 -1.35
CA LEU B 12 -1.62 -11.19 -0.19
C LEU B 12 -0.51 -11.65 0.77
N ASN B 13 0.49 -12.35 0.25
CA ASN B 13 1.63 -12.88 1.03
C ASN B 13 2.29 -11.71 1.76
N GLN B 14 2.67 -10.67 1.04
CA GLN B 14 3.42 -9.54 1.64
C GLN B 14 2.51 -8.77 2.61
N SER B 15 1.25 -8.52 2.25
CA SER B 15 0.20 -7.90 3.13
C SER B 15 0.16 -8.63 4.48
N LEU B 16 0.26 -9.97 4.45
CA LEU B 16 0.11 -10.85 5.64
C LEU B 16 1.35 -10.68 6.53
N ALA B 17 2.53 -10.71 5.93
CA ALA B 17 3.83 -10.49 6.60
C ALA B 17 3.78 -9.18 7.39
N GLU B 18 3.04 -8.20 6.86
CA GLU B 18 2.98 -6.79 7.35
C GLU B 18 2.10 -6.70 8.61
N VAL B 19 1.07 -7.55 8.71
CA VAL B 19 0.08 -7.48 9.83
C VAL B 19 0.75 -8.06 11.07
N GLN B 20 1.90 -8.70 10.94
CA GLN B 20 2.67 -9.24 12.09
C GLN B 20 2.50 -8.25 13.27
N GLY B 21 1.71 -8.63 14.27
CA GLY B 21 1.59 -7.89 15.55
C GLY B 21 0.21 -7.33 15.84
N GLN B 22 -0.65 -7.12 14.82
CA GLN B 22 -1.94 -6.40 15.00
C GLN B 22 -3.09 -7.40 15.16
N ILE B 23 -2.82 -8.70 15.04
CA ILE B 23 -3.84 -9.79 15.05
C ILE B 23 -3.96 -10.37 16.46
N ASN B 24 -5.19 -10.48 16.96
CA ASN B 24 -5.52 -11.14 18.26
C ASN B 24 -6.09 -12.51 17.95
N VAL B 25 -5.72 -13.52 18.72
CA VAL B 25 -6.30 -14.87 18.55
C VAL B 25 -6.97 -15.26 19.86
N SER B 26 -7.78 -16.30 19.80
CA SER B 26 -8.48 -16.95 20.94
C SER B 26 -8.62 -18.41 20.54
N PHE B 27 -8.55 -19.30 21.54
CA PHE B 27 -8.60 -20.77 21.34
C PHE B 27 -9.83 -21.30 22.09
N GLU B 28 -10.55 -22.20 21.45
CA GLU B 28 -11.63 -22.95 22.13
C GLU B 28 -11.14 -24.37 22.38
N PHE B 29 -11.32 -24.85 23.62
CA PHE B 29 -11.07 -26.25 24.06
C PHE B 29 -12.37 -26.84 24.56
N PHE B 30 -12.50 -28.15 24.45
CA PHE B 30 -13.64 -28.90 25.03
C PHE B 30 -13.12 -29.67 26.24
N PRO B 31 -14.00 -30.02 27.20
CA PRO B 31 -13.64 -30.83 28.35
C PRO B 31 -13.36 -32.26 27.93
N PRO B 32 -12.24 -32.86 28.40
CA PRO B 32 -11.80 -34.18 27.93
C PRO B 32 -12.70 -35.32 28.42
N ARG B 33 -12.59 -36.47 27.74
CA ARG B 33 -13.40 -37.69 27.97
C ARG B 33 -12.53 -38.82 28.55
N THR B 34 -11.21 -38.76 28.42
CA THR B 34 -10.27 -39.88 28.77
C THR B 34 -9.02 -39.32 29.44
N SER B 35 -8.35 -40.11 30.29
CA SER B 35 -7.11 -39.67 30.99
C SER B 35 -6.18 -39.06 29.94
N GLU B 36 -6.14 -39.64 28.73
CA GLU B 36 -5.15 -39.34 27.66
C GLU B 36 -5.52 -38.00 26.99
N MET B 37 -6.79 -37.78 26.66
CA MET B 37 -7.24 -36.48 26.09
C MET B 37 -6.96 -35.36 27.12
N GLU B 38 -7.15 -35.61 28.42
CA GLU B 38 -6.84 -34.63 29.51
C GLU B 38 -5.40 -34.16 29.34
N GLN B 39 -4.44 -35.08 29.13
CA GLN B 39 -3.01 -34.70 29.05
C GLN B 39 -2.81 -33.85 27.78
N THR B 40 -3.21 -34.38 26.62
CA THR B 40 -3.27 -33.64 25.33
C THR B 40 -3.71 -32.19 25.58
N LEU B 41 -4.88 -32.02 26.19
CA LEU B 41 -5.50 -30.69 26.43
C LEU B 41 -4.48 -29.79 27.15
N TRP B 42 -3.83 -30.31 28.19
CA TRP B 42 -2.97 -29.50 29.09
C TRP B 42 -1.64 -29.17 28.40
N ASN B 43 -1.16 -30.00 27.47
CA ASN B 43 0.04 -29.67 26.64
C ASN B 43 -0.39 -28.61 25.63
N SER B 44 -1.58 -28.77 25.08
CA SER B 44 -2.12 -27.88 24.03
C SER B 44 -2.30 -26.49 24.63
N ILE B 45 -2.89 -26.40 25.83
CA ILE B 45 -3.01 -25.12 26.57
C ILE B 45 -1.63 -24.51 26.86
N ASP B 46 -0.62 -25.32 27.19
CA ASP B 46 0.73 -24.80 27.54
C ASP B 46 1.32 -24.13 26.29
N ARG B 47 1.38 -24.91 25.22
CA ARG B 47 1.89 -24.44 23.92
C ARG B 47 1.16 -23.15 23.54
N LEU B 48 -0.18 -23.21 23.46
CA LEU B 48 -0.95 -22.12 22.79
C LEU B 48 -0.93 -20.84 23.65
N SER B 49 -0.73 -20.97 24.96
CA SER B 49 -0.62 -19.81 25.90
C SER B 49 0.65 -19.01 25.56
N SER B 50 1.69 -19.65 25.05
CA SER B 50 2.93 -18.96 24.63
C SER B 50 2.58 -17.84 23.63
N LEU B 51 1.42 -17.94 22.95
CA LEU B 51 0.95 -16.98 21.91
C LEU B 51 0.11 -15.87 22.51
N LYS B 52 -0.09 -15.85 23.83
CA LYS B 52 -0.72 -14.70 24.52
C LYS B 52 -2.07 -14.41 23.87
N PRO B 53 -2.98 -15.41 23.71
CA PRO B 53 -4.33 -15.17 23.19
C PRO B 53 -5.14 -14.20 24.06
N LYS B 54 -6.06 -13.43 23.46
CA LYS B 54 -6.83 -12.40 24.20
C LYS B 54 -7.78 -13.12 25.18
N PHE B 55 -8.13 -14.36 24.89
CA PHE B 55 -8.88 -15.24 25.81
C PHE B 55 -8.91 -16.66 25.24
N VAL B 56 -9.35 -17.60 26.07
CA VAL B 56 -9.60 -19.01 25.65
C VAL B 56 -10.99 -19.36 26.11
N SER B 57 -11.65 -20.27 25.43
CA SER B 57 -13.01 -20.72 25.81
C SER B 57 -12.99 -22.24 26.07
N VAL B 58 -13.85 -22.71 26.97
CA VAL B 58 -14.09 -24.16 27.19
C VAL B 58 -15.56 -24.41 26.91
N THR B 59 -15.86 -25.32 25.99
CA THR B 59 -17.25 -25.73 25.61
C THR B 59 -17.91 -26.33 26.86
N TYR B 60 -19.24 -26.27 26.94
CA TYR B 60 -20.04 -26.87 28.04
C TYR B 60 -21.07 -27.81 27.39
N GLY B 61 -20.79 -29.12 27.48
CA GLY B 61 -21.63 -30.22 26.96
C GLY B 61 -23.05 -30.15 27.51
N ALA B 62 -23.95 -29.49 26.77
CA ALA B 62 -25.32 -29.07 27.17
C ALA B 62 -26.08 -30.22 27.85
N ASN B 63 -25.82 -30.43 29.15
CA ASN B 63 -26.42 -31.50 29.99
C ASN B 63 -25.66 -32.81 29.79
N SER B 64 -24.33 -32.72 29.68
CA SER B 64 -23.41 -33.89 29.62
C SER B 64 -22.99 -34.30 31.04
N GLY B 65 -23.32 -33.49 32.06
CA GLY B 65 -22.87 -33.66 33.46
C GLY B 65 -21.41 -33.26 33.64
N GLU B 66 -20.82 -32.64 32.60
CA GLU B 66 -19.39 -32.27 32.49
C GLU B 66 -19.19 -30.80 32.87
N ARG B 67 -20.16 -30.16 33.54
CA ARG B 67 -20.07 -28.77 34.04
C ARG B 67 -19.13 -28.72 35.26
N ASP B 68 -18.83 -29.88 35.86
CA ASP B 68 -17.81 -30.06 36.93
C ASP B 68 -16.41 -30.08 36.30
N ARG B 69 -16.31 -30.46 35.01
CA ARG B 69 -15.02 -30.43 34.25
C ARG B 69 -14.83 -29.01 33.71
N THR B 70 -15.83 -28.46 33.02
CA THR B 70 -15.79 -27.10 32.40
C THR B 70 -15.23 -26.11 33.43
N HIS B 71 -15.86 -26.04 34.61
CA HIS B 71 -15.53 -25.10 35.72
C HIS B 71 -14.11 -25.42 36.24
N SER B 72 -13.77 -26.71 36.35
CA SER B 72 -12.44 -27.17 36.83
C SER B 72 -11.35 -26.73 35.84
N ILE B 73 -11.51 -27.08 34.57
CA ILE B 73 -10.59 -26.69 33.46
C ILE B 73 -10.41 -25.17 33.48
N ILE B 74 -11.52 -24.41 33.54
CA ILE B 74 -11.48 -22.92 33.52
C ILE B 74 -10.65 -22.45 34.72
N LYS B 75 -10.91 -23.01 35.91
CA LYS B 75 -10.10 -22.73 37.13
C LYS B 75 -8.63 -22.96 36.74
N GLY B 76 -8.30 -24.19 36.34
CA GLY B 76 -6.94 -24.66 36.01
C GLY B 76 -6.24 -23.77 34.99
N ILE B 77 -6.99 -23.27 34.02
CA ILE B 77 -6.44 -22.33 33.01
C ILE B 77 -6.09 -21.02 33.71
N LYS B 78 -7.02 -20.46 34.51
CA LYS B 78 -6.81 -19.14 35.18
C LYS B 78 -5.69 -19.27 36.23
N ASP B 79 -5.40 -20.48 36.73
CA ASP B 79 -4.33 -20.70 37.75
C ASP B 79 -2.98 -20.93 37.06
N ARG B 80 -2.94 -21.81 36.06
CA ARG B 80 -1.70 -22.34 35.42
C ARG B 80 -1.07 -21.32 34.45
N THR B 81 -1.83 -20.33 33.94
CA THR B 81 -1.43 -19.44 32.82
C THR B 81 -1.77 -17.96 33.05
N GLY B 82 -2.72 -17.63 33.92
CA GLY B 82 -3.25 -16.26 34.03
C GLY B 82 -3.59 -15.72 32.65
N LEU B 83 -4.31 -16.51 31.86
CA LEU B 83 -5.03 -16.06 30.64
C LEU B 83 -6.47 -15.82 31.04
N GLU B 84 -7.15 -14.81 30.48
CA GLU B 84 -8.63 -14.71 30.59
C GLU B 84 -9.21 -16.02 30.02
N ALA B 85 -9.84 -16.83 30.86
CA ALA B 85 -10.63 -18.03 30.49
C ALA B 85 -12.11 -17.65 30.44
N ALA B 86 -12.85 -18.22 29.51
CA ALA B 86 -14.26 -17.84 29.22
C ALA B 86 -15.11 -19.11 29.08
N PRO B 87 -15.90 -19.47 30.10
CA PRO B 87 -16.71 -20.67 30.02
C PRO B 87 -17.91 -20.42 29.09
N HIS B 88 -18.29 -21.46 28.37
CA HIS B 88 -19.56 -21.51 27.61
C HIS B 88 -20.63 -21.85 28.62
N LEU B 89 -21.66 -21.03 28.70
CA LEU B 89 -22.80 -21.28 29.59
C LEU B 89 -24.01 -21.44 28.68
N THR B 90 -24.55 -22.64 28.58
CA THR B 90 -25.84 -22.89 27.88
C THR B 90 -26.95 -22.42 28.83
N CYS B 91 -28.22 -22.64 28.48
CA CYS B 91 -29.36 -22.44 29.40
C CYS B 91 -30.49 -23.45 29.10
N ILE B 92 -30.14 -24.63 28.62
CA ILE B 92 -31.13 -25.56 28.03
C ILE B 92 -31.37 -26.71 29.03
N ASP B 93 -30.75 -26.60 30.19
CA ASP B 93 -30.59 -27.72 31.15
C ASP B 93 -30.49 -27.16 32.57
N ALA B 94 -30.83 -25.89 32.75
CA ALA B 94 -30.67 -25.12 34.00
C ALA B 94 -31.76 -24.04 34.08
N THR B 95 -32.44 -23.99 35.22
CA THR B 95 -33.48 -22.98 35.57
C THR B 95 -32.84 -21.60 35.42
N PRO B 96 -33.59 -20.52 35.14
CA PRO B 96 -33.09 -19.16 35.35
C PRO B 96 -32.34 -19.00 36.68
N ASP B 97 -32.85 -19.58 37.75
CA ASP B 97 -32.35 -19.35 39.13
C ASP B 97 -31.01 -20.05 39.31
N GLU B 98 -30.87 -21.27 38.78
CA GLU B 98 -29.57 -21.99 38.71
C GLU B 98 -28.50 -21.07 38.10
N LEU B 99 -28.82 -20.41 36.98
CA LEU B 99 -27.82 -19.71 36.13
C LEU B 99 -27.31 -18.47 36.88
N ARG B 100 -28.22 -17.65 37.40
CA ARG B 100 -27.89 -16.43 38.19
C ARG B 100 -26.84 -16.77 39.25
N THR B 101 -27.00 -17.93 39.91
CA THR B 101 -26.06 -18.44 40.94
C THR B 101 -24.71 -18.66 40.27
N ILE B 102 -24.69 -19.56 39.26
CA ILE B 102 -23.50 -19.93 38.41
C ILE B 102 -22.79 -18.66 37.93
N ALA B 103 -23.55 -17.69 37.44
CA ALA B 103 -23.06 -16.35 37.03
C ALA B 103 -22.32 -15.66 38.17
N ARG B 104 -22.91 -15.62 39.37
CA ARG B 104 -22.30 -14.94 40.55
C ARG B 104 -21.13 -15.81 41.07
N ASP B 105 -21.24 -17.14 41.06
CA ASP B 105 -20.13 -18.07 41.39
C ASP B 105 -18.90 -17.62 40.57
N TYR B 106 -19.06 -17.69 39.24
CA TYR B 106 -18.07 -17.28 38.21
C TYR B 106 -17.49 -15.89 38.52
N TRP B 107 -18.33 -14.86 38.53
CA TRP B 107 -17.89 -13.43 38.62
C TRP B 107 -16.99 -13.20 39.85
N ASN B 108 -17.27 -13.93 40.94
CA ASN B 108 -16.53 -13.85 42.22
C ASN B 108 -15.23 -14.65 42.11
N ASN B 109 -15.27 -15.83 41.46
CA ASN B 109 -14.04 -16.63 41.14
C ASN B 109 -13.19 -15.92 40.08
N GLY B 110 -13.47 -14.66 39.75
CA GLY B 110 -12.66 -13.80 38.86
C GLY B 110 -12.88 -14.08 37.36
N ILE B 111 -13.89 -14.87 37.00
CA ILE B 111 -14.32 -15.12 35.59
C ILE B 111 -15.18 -13.92 35.18
N ARG B 112 -14.63 -13.00 34.38
CA ARG B 112 -15.29 -11.73 33.97
C ARG B 112 -15.79 -11.83 32.50
N HIS B 113 -15.65 -12.99 31.85
CA HIS B 113 -15.97 -13.23 30.40
C HIS B 113 -16.61 -14.61 30.22
N ILE B 114 -17.82 -14.63 29.65
CA ILE B 114 -18.70 -15.83 29.46
C ILE B 114 -19.27 -15.84 28.05
N VAL B 115 -19.31 -17.02 27.44
CA VAL B 115 -19.89 -17.22 26.09
C VAL B 115 -21.32 -17.75 26.27
N ALA B 116 -22.29 -16.87 26.10
CA ALA B 116 -23.73 -17.16 26.26
C ALA B 116 -24.25 -17.91 25.02
N LEU B 117 -24.66 -19.15 25.20
CA LEU B 117 -25.31 -19.93 24.13
C LEU B 117 -26.68 -20.41 24.64
N ARG B 118 -27.49 -20.98 23.75
CA ARG B 118 -28.78 -21.62 24.12
C ARG B 118 -28.50 -23.09 24.43
N GLY B 119 -27.80 -23.78 23.53
CA GLY B 119 -27.42 -25.19 23.66
C GLY B 119 -28.30 -26.06 22.79
N ALA B 120 -27.79 -27.23 22.41
CA ALA B 120 -28.49 -28.21 21.54
C ALA B 120 -29.71 -28.77 22.29
N LEU B 121 -30.89 -28.67 21.68
CA LEU B 121 -32.17 -29.21 22.20
C LEU B 121 -32.11 -30.74 22.26
N PRO B 122 -32.90 -31.38 23.15
CA PRO B 122 -33.01 -32.84 23.17
C PRO B 122 -33.74 -33.40 21.96
N PRO B 123 -33.59 -34.72 21.69
CA PRO B 123 -34.38 -35.39 20.65
C PRO B 123 -35.91 -35.27 20.80
N GLY B 124 -36.46 -34.06 20.64
CA GLY B 124 -37.91 -33.79 20.76
C GLY B 124 -38.20 -32.68 21.75
N LYS B 127 -41.20 -25.92 22.17
CA LYS B 127 -40.46 -24.65 22.40
C LYS B 127 -39.39 -24.86 23.47
N PRO B 128 -38.12 -24.45 23.26
CA PRO B 128 -37.14 -24.39 24.35
C PRO B 128 -37.41 -23.17 25.23
N GLU B 129 -37.63 -23.39 26.52
CA GLU B 129 -38.06 -22.35 27.50
C GLU B 129 -37.33 -21.03 27.19
N MET B 130 -36.00 -21.05 27.24
CA MET B 130 -35.12 -19.85 27.28
C MET B 130 -34.32 -19.78 25.98
N TYR B 131 -34.09 -18.56 25.49
CA TYR B 131 -33.20 -18.26 24.34
C TYR B 131 -31.99 -17.47 24.83
N ALA B 132 -30.87 -17.57 24.11
CA ALA B 132 -29.55 -17.02 24.50
C ALA B 132 -29.65 -15.50 24.72
N SER B 133 -30.54 -14.80 24.01
CA SER B 133 -30.78 -13.34 24.16
C SER B 133 -31.20 -13.03 25.59
N ASP B 134 -32.06 -13.90 26.15
CA ASP B 134 -32.54 -13.87 27.56
C ASP B 134 -31.36 -14.08 28.51
N LEU B 135 -30.66 -15.22 28.35
CA LEU B 135 -29.46 -15.61 29.12
C LEU B 135 -28.43 -14.46 29.14
N VAL B 136 -28.40 -13.62 28.11
CA VAL B 136 -27.49 -12.44 27.99
C VAL B 136 -28.03 -11.34 28.91
N THR B 137 -29.34 -11.06 28.86
CA THR B 137 -29.98 -10.01 29.70
C THR B 137 -29.79 -10.39 31.18
N LEU B 138 -30.19 -11.60 31.56
CA LEU B 138 -29.87 -12.26 32.86
C LEU B 138 -28.42 -11.91 33.26
N LEU B 139 -27.44 -12.46 32.54
CA LEU B 139 -25.99 -12.34 32.85
C LEU B 139 -25.61 -10.87 33.05
N LYS B 140 -26.25 -9.95 32.34
CA LYS B 140 -25.87 -8.51 32.36
C LYS B 140 -26.36 -7.87 33.67
N GLU B 141 -27.41 -8.45 34.27
CA GLU B 141 -28.00 -7.99 35.56
C GLU B 141 -27.09 -8.42 36.70
N VAL B 142 -26.73 -9.71 36.72
CA VAL B 142 -25.90 -10.37 37.78
C VAL B 142 -24.55 -9.65 37.95
N ALA B 143 -24.00 -9.04 36.89
CA ALA B 143 -22.73 -8.27 36.91
C ALA B 143 -22.43 -7.69 35.53
N ASP B 144 -21.38 -6.88 35.39
CA ASP B 144 -20.94 -6.24 34.12
C ASP B 144 -19.93 -7.15 33.39
N PHE B 145 -20.40 -8.31 32.92
CA PHE B 145 -19.60 -9.29 32.13
C PHE B 145 -19.20 -8.71 30.76
N ASP B 146 -18.07 -9.19 30.24
CA ASP B 146 -17.79 -9.29 28.79
C ASP B 146 -18.58 -10.49 28.31
N ILE B 147 -19.46 -10.35 27.32
CA ILE B 147 -20.28 -11.49 26.82
C ILE B 147 -20.09 -11.67 25.31
N SER B 148 -19.63 -12.87 24.93
CA SER B 148 -19.57 -13.34 23.52
C SER B 148 -20.82 -14.17 23.23
N VAL B 149 -21.25 -14.21 21.97
CA VAL B 149 -22.40 -15.01 21.47
C VAL B 149 -22.00 -15.72 20.16
N ALA B 150 -22.78 -16.72 19.74
CA ALA B 150 -22.54 -17.42 18.46
C ALA B 150 -23.17 -16.61 17.33
N ALA B 151 -22.55 -16.65 16.15
CA ALA B 151 -23.11 -16.15 14.88
C ALA B 151 -22.92 -17.26 13.85
N TYR B 152 -23.87 -17.40 12.92
CA TYR B 152 -23.93 -18.51 11.92
C TYR B 152 -24.01 -17.91 10.53
N PRO B 153 -22.87 -17.69 9.87
CA PRO B 153 -22.86 -17.10 8.54
C PRO B 153 -23.65 -17.96 7.54
N GLU B 154 -23.78 -19.28 7.76
CA GLU B 154 -24.54 -20.16 6.84
C GLU B 154 -25.94 -20.41 7.43
N VAL B 155 -26.32 -19.60 8.44
CA VAL B 155 -27.62 -19.63 9.19
C VAL B 155 -27.70 -20.88 10.07
N HIS B 156 -28.06 -20.69 11.35
CA HIS B 156 -28.34 -21.79 12.32
C HIS B 156 -29.40 -22.74 11.74
N PRO B 157 -29.25 -24.08 11.88
CA PRO B 157 -30.15 -25.02 11.21
C PRO B 157 -31.62 -24.90 11.60
N GLU B 158 -31.92 -24.52 12.85
CA GLU B 158 -33.30 -24.51 13.40
C GLU B 158 -34.04 -23.22 13.01
N ALA B 159 -33.33 -22.14 12.69
CA ALA B 159 -33.87 -20.77 12.52
C ALA B 159 -35.12 -20.74 11.63
N LYS B 160 -36.11 -19.95 12.06
CA LYS B 160 -37.34 -19.63 11.28
C LYS B 160 -36.88 -19.23 9.87
N SER B 161 -35.82 -18.43 9.79
CA SER B 161 -35.23 -17.88 8.55
C SER B 161 -33.85 -17.23 8.84
N ALA B 162 -33.09 -16.94 7.77
CA ALA B 162 -31.84 -16.16 7.84
C ALA B 162 -32.17 -14.78 8.39
N GLN B 163 -33.37 -14.29 8.05
CA GLN B 163 -33.85 -12.93 8.37
C GLN B 163 -33.97 -12.83 9.90
N ALA B 164 -34.62 -13.87 10.47
CA ALA B 164 -34.79 -14.10 11.92
C ALA B 164 -33.40 -14.21 12.56
N ASP B 165 -32.64 -15.23 12.12
CA ASP B 165 -31.32 -15.60 12.71
C ASP B 165 -30.42 -14.36 12.81
N LEU B 166 -30.48 -13.44 11.82
CA LEU B 166 -29.70 -12.18 11.83
C LEU B 166 -30.31 -11.20 12.85
N LEU B 167 -31.64 -11.13 12.94
CA LEU B 167 -32.32 -10.32 13.99
C LEU B 167 -31.92 -10.83 15.38
N ASN B 168 -31.95 -12.15 15.55
CA ASN B 168 -31.62 -12.83 16.83
C ASN B 168 -30.22 -12.39 17.27
N LEU B 169 -29.25 -12.37 16.36
CA LEU B 169 -27.90 -11.85 16.69
C LEU B 169 -28.06 -10.39 17.11
N LYS B 170 -28.81 -9.61 16.34
CA LYS B 170 -29.04 -8.16 16.65
C LYS B 170 -29.58 -8.08 18.07
N ARG B 171 -30.57 -8.93 18.37
CA ARG B 171 -31.22 -8.98 19.71
C ARG B 171 -30.13 -9.18 20.77
N LYS B 172 -29.34 -10.25 20.65
CA LYS B 172 -28.26 -10.66 21.59
C LYS B 172 -27.26 -9.52 21.79
N VAL B 173 -27.03 -8.74 20.74
CA VAL B 173 -26.02 -7.64 20.78
C VAL B 173 -26.65 -6.45 21.53
N ASP B 174 -27.94 -6.21 21.30
CA ASP B 174 -28.74 -5.19 22.04
C ASP B 174 -28.74 -5.54 23.54
N ALA B 175 -28.97 -6.83 23.86
CA ALA B 175 -29.05 -7.40 25.22
C ALA B 175 -27.73 -7.24 25.99
N GLY B 176 -26.60 -7.07 25.29
CA GLY B 176 -25.33 -6.62 25.91
C GLY B 176 -24.09 -7.38 25.47
N ALA B 177 -24.19 -8.27 24.46
CA ALA B 177 -23.04 -9.03 23.91
C ALA B 177 -22.07 -8.05 23.23
N ASN B 178 -20.76 -8.19 23.53
CA ASN B 178 -19.63 -7.36 23.00
C ASN B 178 -19.09 -7.91 21.68
N ARG B 179 -18.98 -9.24 21.57
CA ARG B 179 -18.40 -9.93 20.38
C ARG B 179 -19.44 -10.95 19.92
N ALA B 180 -19.37 -11.32 18.65
CA ALA B 180 -20.00 -12.53 18.11
C ALA B 180 -18.86 -13.41 17.62
N ILE B 181 -19.01 -14.72 17.79
CA ILE B 181 -18.01 -15.69 17.29
C ILE B 181 -18.75 -16.66 16.38
N THR B 182 -18.24 -16.84 15.16
CA THR B 182 -18.97 -17.57 14.11
C THR B 182 -18.75 -19.04 14.38
N GLN B 183 -19.73 -19.84 14.01
CA GLN B 183 -19.51 -21.24 13.56
C GLN B 183 -18.37 -21.19 12.54
N PHE B 184 -17.59 -22.25 12.47
CA PHE B 184 -16.61 -22.46 11.39
C PHE B 184 -17.35 -22.45 10.04
N PHE B 185 -16.61 -22.08 9.00
CA PHE B 185 -17.03 -22.07 7.57
C PHE B 185 -15.82 -22.44 6.70
N PHE B 186 -16.05 -23.03 5.53
CA PHE B 186 -15.03 -23.28 4.48
C PHE B 186 -15.32 -22.47 3.22
N ASP B 187 -16.43 -21.73 3.22
CA ASP B 187 -16.83 -20.78 2.16
C ASP B 187 -16.62 -19.36 2.69
N VAL B 188 -15.44 -18.78 2.48
CA VAL B 188 -15.04 -17.44 3.00
C VAL B 188 -16.08 -16.39 2.58
N GLU B 189 -16.61 -16.46 1.37
CA GLU B 189 -17.61 -15.47 0.91
C GLU B 189 -18.76 -15.47 1.91
N SER B 190 -19.23 -16.64 2.35
CA SER B 190 -20.27 -16.77 3.40
C SER B 190 -19.93 -15.81 4.54
N TYR B 191 -18.70 -15.90 5.04
CA TYR B 191 -18.35 -15.10 6.23
C TYR B 191 -18.46 -13.65 5.79
N LEU B 192 -17.89 -13.28 4.65
CA LEU B 192 -17.73 -11.86 4.23
C LEU B 192 -19.08 -11.18 3.94
N ARG B 193 -20.00 -11.90 3.30
CA ARG B 193 -21.37 -11.41 2.98
C ARG B 193 -22.12 -11.20 4.29
N PHE B 194 -21.99 -12.14 5.22
CA PHE B 194 -22.62 -12.11 6.58
C PHE B 194 -22.12 -10.89 7.36
N ARG B 195 -20.81 -10.68 7.36
CA ARG B 195 -20.20 -9.56 8.12
C ARG B 195 -20.79 -8.25 7.60
N ASP B 196 -20.98 -8.14 6.28
CA ASP B 196 -21.63 -6.97 5.63
C ASP B 196 -23.10 -6.88 6.08
N ARG B 197 -23.86 -7.98 6.05
CA ARG B 197 -25.30 -8.02 6.45
C ARG B 197 -25.45 -7.46 7.87
N CYS B 198 -24.53 -7.82 8.76
CA CYS B 198 -24.52 -7.34 10.17
C CYS B 198 -24.52 -5.80 10.20
N VAL B 199 -23.76 -5.15 9.33
CA VAL B 199 -23.65 -3.65 9.32
C VAL B 199 -24.97 -3.10 8.75
N SER B 200 -25.58 -3.82 7.82
CA SER B 200 -26.90 -3.44 7.23
C SER B 200 -28.00 -3.64 8.28
N ALA B 201 -27.77 -4.48 9.29
CA ALA B 201 -28.75 -4.74 10.37
C ALA B 201 -28.32 -3.97 11.63
N GLY B 202 -27.47 -2.96 11.46
CA GLY B 202 -27.09 -2.05 12.56
C GLY B 202 -26.40 -2.76 13.73
N ILE B 203 -25.79 -3.92 13.50
CA ILE B 203 -25.10 -4.70 14.56
C ILE B 203 -23.66 -4.22 14.68
N ASP B 204 -23.34 -3.50 15.77
CA ASP B 204 -22.08 -2.72 15.92
C ASP B 204 -20.90 -3.55 16.46
N VAL B 205 -21.02 -4.87 16.59
CA VAL B 205 -19.97 -5.69 17.26
C VAL B 205 -19.10 -6.40 16.21
N GLU B 206 -17.87 -6.70 16.65
CA GLU B 206 -16.87 -7.42 15.82
C GLU B 206 -17.41 -8.84 15.61
N ILE B 207 -17.52 -9.26 14.36
CA ILE B 207 -17.86 -10.67 14.00
C ILE B 207 -16.55 -11.42 13.78
N ILE B 208 -16.05 -12.09 14.83
CA ILE B 208 -14.80 -12.89 14.80
C ILE B 208 -15.04 -14.20 14.05
N PRO B 209 -14.29 -14.49 12.97
CA PRO B 209 -14.42 -15.77 12.30
C PRO B 209 -13.93 -16.88 13.24
N GLY B 210 -14.77 -17.90 13.41
CA GLY B 210 -14.42 -19.22 13.93
C GLY B 210 -13.74 -20.05 12.86
N ILE B 211 -12.50 -20.49 13.13
CA ILE B 211 -11.67 -21.31 12.20
C ILE B 211 -11.55 -22.74 12.76
N LEU B 212 -11.92 -23.74 11.96
CA LEU B 212 -11.66 -25.16 12.25
C LEU B 212 -10.57 -25.68 11.31
N PRO B 213 -9.31 -25.78 11.79
CA PRO B 213 -8.27 -26.47 11.03
C PRO B 213 -8.72 -27.94 10.98
N VAL B 214 -8.74 -28.50 9.78
CA VAL B 214 -9.29 -29.86 9.53
C VAL B 214 -8.11 -30.75 9.19
N SER B 215 -7.81 -31.74 10.03
CA SER B 215 -6.91 -32.89 9.69
C SER B 215 -7.76 -34.16 9.59
N ASN B 216 -8.87 -34.22 10.31
CA ASN B 216 -9.79 -35.37 10.27
C ASN B 216 -11.03 -34.91 9.49
N PHE B 217 -11.07 -35.22 8.19
CA PHE B 217 -12.14 -34.80 7.26
C PHE B 217 -13.46 -35.49 7.62
N LYS B 218 -13.44 -36.80 7.86
CA LYS B 218 -14.66 -37.56 8.21
C LYS B 218 -15.38 -36.85 9.37
N GLN B 219 -14.63 -36.47 10.42
CA GLN B 219 -15.15 -35.80 11.64
C GLN B 219 -15.76 -34.46 11.23
N ALA B 220 -15.03 -33.66 10.44
CA ALA B 220 -15.48 -32.32 9.98
C ALA B 220 -16.74 -32.49 9.13
N LYS B 221 -16.75 -33.43 8.17
CA LYS B 221 -17.95 -33.70 7.32
C LYS B 221 -19.12 -33.98 8.27
N LYS B 222 -18.89 -34.68 9.41
CA LYS B 222 -19.94 -34.96 10.44
C LYS B 222 -20.43 -33.62 10.99
N PHE B 223 -19.54 -32.81 11.58
CA PHE B 223 -19.90 -31.57 12.32
C PHE B 223 -20.57 -30.57 11.37
N ALA B 224 -20.17 -30.56 10.10
CA ALA B 224 -20.61 -29.56 9.11
C ALA B 224 -22.02 -29.91 8.63
N ASP B 225 -22.31 -31.19 8.37
CA ASP B 225 -23.67 -31.67 8.00
C ASP B 225 -24.63 -31.27 9.14
N MET B 226 -24.21 -31.48 10.40
CA MET B 226 -24.98 -31.19 11.65
C MET B 226 -25.35 -29.70 11.70
N THR B 227 -24.45 -28.81 11.29
CA THR B 227 -24.57 -27.35 11.50
C THR B 227 -24.93 -26.64 10.19
N ASN B 228 -25.35 -27.37 9.15
CA ASN B 228 -25.67 -26.79 7.82
C ASN B 228 -24.50 -25.97 7.26
N VAL B 229 -23.27 -26.46 7.36
CA VAL B 229 -22.05 -25.73 6.91
C VAL B 229 -21.59 -26.35 5.58
N ARG B 230 -21.70 -25.58 4.50
CA ARG B 230 -21.27 -26.01 3.14
C ARG B 230 -19.79 -26.36 3.21
N ILE B 231 -19.51 -27.55 2.68
CA ILE B 231 -18.16 -28.09 2.34
C ILE B 231 -18.01 -28.01 0.83
N PRO B 232 -17.28 -27.00 0.30
CA PRO B 232 -17.02 -26.89 -1.12
C PRO B 232 -16.56 -28.20 -1.77
N ALA B 233 -17.00 -28.44 -3.00
CA ALA B 233 -16.62 -29.59 -3.84
C ALA B 233 -15.09 -29.74 -3.88
N TRP B 234 -14.36 -28.64 -4.09
CA TRP B 234 -12.89 -28.66 -4.23
C TRP B 234 -12.29 -29.24 -2.95
N MET B 235 -12.88 -28.90 -1.79
CA MET B 235 -12.33 -29.32 -0.49
C MET B 235 -12.57 -30.82 -0.32
N ALA B 236 -13.77 -31.30 -0.62
CA ALA B 236 -14.08 -32.74 -0.49
C ALA B 236 -13.09 -33.56 -1.34
N GLN B 237 -12.76 -33.05 -2.54
CA GLN B 237 -11.92 -33.75 -3.55
C GLN B 237 -10.49 -33.75 -3.02
N MET B 238 -10.12 -32.70 -2.27
CA MET B 238 -8.79 -32.56 -1.64
C MET B 238 -8.55 -33.72 -0.69
N PHE B 239 -9.52 -33.99 0.18
CA PHE B 239 -9.40 -34.99 1.25
C PHE B 239 -9.74 -36.38 0.71
N ASP B 240 -10.48 -36.43 -0.39
CA ASP B 240 -10.81 -37.73 -1.04
C ASP B 240 -9.49 -38.50 -1.23
N GLY B 241 -9.44 -39.75 -0.80
CA GLY B 241 -8.28 -40.61 -1.02
C GLY B 241 -7.32 -40.62 0.16
N LEU B 242 -7.49 -39.76 1.16
CA LEU B 242 -6.52 -39.62 2.29
C LEU B 242 -7.04 -40.29 3.57
N ASP B 243 -7.84 -41.35 3.46
CA ASP B 243 -8.50 -41.99 4.64
C ASP B 243 -7.45 -42.52 5.63
N ASP B 244 -6.39 -43.15 5.13
CA ASP B 244 -5.38 -43.85 5.97
C ASP B 244 -4.07 -43.05 6.02
N ASP B 245 -4.02 -41.89 5.36
CA ASP B 245 -2.82 -41.02 5.31
C ASP B 245 -3.07 -39.77 6.15
N ALA B 246 -2.52 -39.68 7.36
CA ALA B 246 -2.83 -38.57 8.28
C ALA B 246 -1.76 -37.46 8.20
N GLU B 247 -0.53 -37.68 7.72
CA GLU B 247 0.40 -36.53 7.56
C GLU B 247 -0.11 -35.72 6.36
N THR B 248 -0.39 -36.35 5.21
CA THR B 248 -0.93 -35.65 4.02
C THR B 248 -2.20 -34.87 4.41
N ARG B 249 -3.06 -35.42 5.25
CA ARG B 249 -4.32 -34.73 5.61
C ARG B 249 -4.01 -33.46 6.40
N LYS B 250 -2.91 -33.45 7.15
CA LYS B 250 -2.51 -32.32 8.03
C LYS B 250 -1.91 -31.21 7.14
N LEU B 251 -1.16 -31.57 6.11
CA LEU B 251 -0.56 -30.59 5.16
C LEU B 251 -1.66 -29.88 4.35
N VAL B 252 -2.58 -30.67 3.81
CA VAL B 252 -3.74 -30.23 2.99
C VAL B 252 -4.65 -29.38 3.89
N GLY B 253 -4.89 -29.82 5.12
CA GLY B 253 -5.74 -29.10 6.08
C GLY B 253 -5.13 -27.76 6.45
N ALA B 254 -3.81 -27.77 6.70
CA ALA B 254 -3.07 -26.59 7.18
C ALA B 254 -3.14 -25.54 6.06
N ASN B 255 -2.85 -26.01 4.84
CA ASN B 255 -2.83 -25.23 3.58
C ASN B 255 -4.20 -24.59 3.43
N ILE B 256 -5.26 -25.31 3.77
CA ILE B 256 -6.64 -24.75 3.61
C ILE B 256 -6.79 -23.66 4.68
N ALA B 257 -6.44 -23.97 5.92
CA ALA B 257 -6.63 -23.00 7.03
C ALA B 257 -5.76 -21.78 6.76
N MET B 258 -4.61 -21.96 6.13
CA MET B 258 -3.65 -20.84 5.92
C MET B 258 -4.16 -19.93 4.80
N ASP B 259 -4.63 -20.47 3.68
CA ASP B 259 -5.32 -19.66 2.64
C ASP B 259 -6.44 -18.83 3.31
N MET B 260 -7.28 -19.45 4.14
CA MET B 260 -8.45 -18.73 4.69
C MET B 260 -7.96 -17.55 5.50
N VAL B 261 -7.04 -17.77 6.43
CA VAL B 261 -6.71 -16.67 7.37
C VAL B 261 -5.95 -15.60 6.59
N LYS B 262 -5.18 -15.99 5.58
CA LYS B 262 -4.44 -15.04 4.70
C LYS B 262 -5.48 -14.08 4.10
N ILE B 263 -6.50 -14.63 3.46
CA ILE B 263 -7.58 -13.86 2.77
C ILE B 263 -8.32 -13.01 3.80
N LEU B 264 -8.83 -13.61 4.87
CA LEU B 264 -9.63 -12.89 5.89
C LEU B 264 -8.75 -11.78 6.44
N SER B 265 -7.45 -12.03 6.53
CA SER B 265 -6.49 -11.06 7.07
C SER B 265 -6.58 -9.83 6.17
N ARG B 266 -6.38 -10.02 4.86
CA ARG B 266 -6.45 -8.97 3.82
C ARG B 266 -7.76 -8.20 3.93
N GLU B 267 -8.87 -8.89 4.24
CA GLU B 267 -10.23 -8.31 4.23
C GLU B 267 -10.50 -7.60 5.56
N GLY B 268 -9.48 -7.27 6.34
CA GLY B 268 -9.62 -6.44 7.55
C GLY B 268 -9.81 -7.22 8.85
N VAL B 269 -10.10 -8.51 8.80
CA VAL B 269 -10.19 -9.36 10.03
C VAL B 269 -8.87 -9.23 10.80
N LYS B 270 -8.92 -8.73 12.04
CA LYS B 270 -7.76 -8.64 12.96
C LYS B 270 -7.99 -9.46 14.25
N ASP B 271 -8.96 -10.38 14.25
CA ASP B 271 -9.29 -11.25 15.42
C ASP B 271 -9.74 -12.62 14.91
N PHE B 272 -9.13 -13.69 15.39
CA PHE B 272 -9.46 -15.06 14.96
C PHE B 272 -9.69 -15.96 16.18
N HIS B 273 -10.62 -16.89 16.04
CA HIS B 273 -11.02 -17.90 17.05
C HIS B 273 -10.79 -19.28 16.45
N PHE B 274 -10.00 -20.11 17.13
CA PHE B 274 -9.60 -21.46 16.67
C PHE B 274 -10.33 -22.56 17.47
N TYR B 275 -11.14 -23.36 16.76
CA TYR B 275 -11.68 -24.64 17.28
C TYR B 275 -10.55 -25.66 17.28
N THR B 276 -9.71 -25.61 18.34
CA THR B 276 -8.45 -26.41 18.52
C THR B 276 -8.76 -27.91 18.66
N LEU B 277 -10.02 -28.26 18.95
CA LEU B 277 -10.41 -29.67 19.28
C LEU B 277 -9.33 -30.25 20.21
N ASN B 278 -8.75 -29.39 21.06
CA ASN B 278 -7.77 -29.72 22.11
C ASN B 278 -6.40 -30.04 21.49
N ARG B 279 -6.26 -30.16 20.15
CA ARG B 279 -4.95 -30.45 19.50
C ARG B 279 -4.29 -29.08 19.24
N ALA B 280 -2.95 -28.92 19.34
CA ALA B 280 -2.29 -27.59 19.32
C ALA B 280 -1.43 -27.29 18.07
N GLU B 281 -0.98 -28.26 17.28
CA GLU B 281 0.00 -27.99 16.18
C GLU B 281 -0.64 -27.17 15.04
N MET B 282 -1.81 -27.56 14.54
CA MET B 282 -2.37 -26.89 13.35
C MET B 282 -2.63 -25.43 13.69
N SER B 283 -3.27 -25.16 14.82
CA SER B 283 -3.58 -23.77 15.25
C SER B 283 -2.28 -22.97 15.40
N TYR B 284 -1.28 -23.57 16.03
CA TYR B 284 0.00 -22.89 16.30
C TYR B 284 0.58 -22.42 14.97
N ALA B 285 0.61 -23.33 13.99
CA ALA B 285 1.26 -23.12 12.69
C ALA B 285 0.54 -21.99 11.94
N ILE B 286 -0.79 -22.07 11.86
CA ILE B 286 -1.66 -21.01 11.26
C ILE B 286 -1.37 -19.67 11.97
N CYS B 287 -1.53 -19.61 13.30
CA CYS B 287 -1.21 -18.39 14.09
C CYS B 287 0.17 -17.85 13.70
N HIS B 288 1.13 -18.73 13.48
CA HIS B 288 2.50 -18.38 13.05
C HIS B 288 2.46 -17.53 11.79
N THR B 289 1.75 -18.01 10.77
CA THR B 289 1.56 -17.37 9.44
C THR B 289 0.86 -16.02 9.61
N LEU B 290 0.12 -15.81 10.71
CA LEU B 290 -0.53 -14.51 11.05
C LEU B 290 0.43 -13.68 11.90
N GLY B 291 1.66 -14.17 12.05
CA GLY B 291 2.71 -13.45 12.81
C GLY B 291 2.37 -13.38 14.29
N VAL B 292 1.57 -14.32 14.77
CA VAL B 292 1.26 -14.47 16.21
C VAL B 292 2.26 -15.49 16.73
N ARG B 293 3.32 -15.02 17.37
CA ARG B 293 4.55 -15.81 17.69
C ARG B 293 5.00 -15.51 19.12
N PRO B 294 5.74 -16.43 19.78
CA PRO B 294 6.12 -16.24 21.19
C PRO B 294 6.88 -14.95 21.55
N GLY C 21 -10.65 16.49 -16.93
CA GLY C 21 -11.94 16.67 -17.65
C GLY C 21 -13.14 16.28 -16.80
N GLN C 22 -13.22 15.00 -16.39
CA GLN C 22 -14.27 14.45 -15.48
C GLN C 22 -13.75 14.42 -14.02
N ILE C 23 -12.43 14.53 -13.84
CA ILE C 23 -11.73 14.43 -12.52
C ILE C 23 -11.72 15.79 -11.82
N ASN C 24 -12.26 15.84 -10.60
CA ASN C 24 -12.28 17.04 -9.73
C ASN C 24 -11.32 16.85 -8.57
N VAL C 25 -10.76 17.95 -8.09
CA VAL C 25 -9.88 17.92 -6.90
C VAL C 25 -10.43 18.92 -5.87
N SER C 26 -9.72 19.02 -4.76
CA SER C 26 -10.14 19.66 -3.51
C SER C 26 -8.92 19.61 -2.61
N PHE C 27 -8.57 20.74 -2.02
CA PHE C 27 -7.28 20.88 -1.28
C PHE C 27 -7.66 21.25 0.14
N GLU C 28 -6.87 20.80 1.09
CA GLU C 28 -7.15 21.06 2.51
C GLU C 28 -5.93 21.78 3.07
N PHE C 29 -6.17 22.99 3.59
CA PHE C 29 -5.18 23.86 4.26
C PHE C 29 -5.47 23.90 5.76
N PHE C 30 -4.40 23.96 6.57
CA PHE C 30 -4.43 24.19 8.03
C PHE C 30 -4.08 25.65 8.36
N PRO C 31 -4.64 26.23 9.45
CA PRO C 31 -4.38 27.62 9.83
C PRO C 31 -2.96 27.79 10.38
N PRO C 32 -2.25 28.88 9.98
CA PRO C 32 -0.85 29.05 10.31
C PRO C 32 -0.59 29.60 11.72
N ARG C 33 0.58 29.23 12.27
CA ARG C 33 1.05 29.57 13.64
C ARG C 33 2.30 30.48 13.59
N THR C 34 2.80 30.83 12.41
CA THR C 34 3.97 31.73 12.22
C THR C 34 3.72 32.71 11.06
N SER C 35 4.53 33.76 11.00
CA SER C 35 4.52 34.82 9.94
C SER C 35 4.85 34.15 8.59
N GLU C 36 5.84 33.25 8.60
CA GLU C 36 6.37 32.59 7.37
C GLU C 36 5.34 31.58 6.87
N MET C 37 4.81 30.73 7.75
CA MET C 37 3.79 29.69 7.40
C MET C 37 2.51 30.37 6.88
N GLU C 38 2.22 31.57 7.37
CA GLU C 38 1.12 32.41 6.83
C GLU C 38 1.40 32.60 5.34
N GLN C 39 2.59 33.14 5.01
CA GLN C 39 2.95 33.62 3.65
C GLN C 39 2.89 32.44 2.66
N THR C 40 3.54 31.32 3.01
CA THR C 40 3.39 29.98 2.38
C THR C 40 1.92 29.74 2.01
N LEU C 41 1.04 29.59 3.00
CA LEU C 41 -0.39 29.26 2.76
C LEU C 41 -0.98 30.13 1.65
N TRP C 42 -0.54 31.38 1.50
CA TRP C 42 -1.26 32.32 0.62
C TRP C 42 -0.81 32.08 -0.84
N ASN C 43 0.49 31.83 -1.03
CA ASN C 43 1.11 31.50 -2.34
C ASN C 43 0.53 30.18 -2.85
N SER C 44 0.41 29.21 -1.92
CA SER C 44 -0.18 27.86 -2.16
C SER C 44 -1.63 28.00 -2.60
N ILE C 45 -2.48 28.62 -1.78
CA ILE C 45 -3.89 28.91 -2.15
C ILE C 45 -3.89 29.51 -3.55
N ASP C 46 -3.02 30.51 -3.76
CA ASP C 46 -2.86 31.28 -5.04
C ASP C 46 -2.59 30.28 -6.17
N ARG C 47 -1.55 29.45 -6.01
CA ARG C 47 -1.14 28.48 -7.05
C ARG C 47 -2.30 27.51 -7.31
N LEU C 48 -2.74 26.81 -6.25
CA LEU C 48 -3.64 25.63 -6.40
C LEU C 48 -4.99 26.11 -6.93
N SER C 49 -5.40 27.34 -6.60
CA SER C 49 -6.71 27.91 -7.01
C SER C 49 -6.88 27.88 -8.54
N SER C 50 -5.77 27.96 -9.30
CA SER C 50 -5.75 28.02 -10.80
C SER C 50 -6.25 26.71 -11.42
N LEU C 51 -6.15 25.61 -10.66
CA LEU C 51 -6.65 24.27 -11.05
C LEU C 51 -8.18 24.22 -10.94
N LYS C 52 -8.81 25.28 -10.43
CA LYS C 52 -10.29 25.39 -10.38
C LYS C 52 -10.81 24.18 -9.61
N PRO C 53 -10.41 23.98 -8.34
CA PRO C 53 -10.92 22.88 -7.51
C PRO C 53 -12.40 23.05 -7.15
N LYS C 54 -13.16 21.96 -7.13
CA LYS C 54 -14.60 21.91 -6.75
C LYS C 54 -14.80 22.55 -5.36
N PHE C 55 -13.83 22.45 -4.45
CA PHE C 55 -13.88 23.20 -3.16
C PHE C 55 -12.51 23.14 -2.49
N VAL C 56 -12.33 23.88 -1.39
CA VAL C 56 -11.14 23.71 -0.50
C VAL C 56 -11.66 23.64 0.93
N SER C 57 -10.84 23.19 1.86
CA SER C 57 -11.23 23.04 3.28
C SER C 57 -10.12 23.60 4.16
N VAL C 58 -10.51 24.16 5.28
CA VAL C 58 -9.52 24.57 6.31
C VAL C 58 -9.79 23.72 7.54
N THR C 59 -8.76 23.01 8.01
CA THR C 59 -8.81 22.18 9.24
C THR C 59 -9.17 23.08 10.42
N TYR C 60 -9.39 22.48 11.59
CA TYR C 60 -9.45 23.13 12.92
C TYR C 60 -8.29 22.55 13.74
N GLY C 61 -7.28 23.37 14.08
CA GLY C 61 -6.15 22.95 14.94
C GLY C 61 -6.61 22.56 16.33
N ALA C 62 -6.04 21.50 16.91
CA ALA C 62 -6.38 20.98 18.27
C ALA C 62 -5.96 22.00 19.35
N ASN C 63 -4.64 22.25 19.49
CA ASN C 63 -4.07 23.19 20.49
C ASN C 63 -4.48 24.62 20.16
N SER C 64 -4.29 25.06 18.90
CA SER C 64 -4.76 26.37 18.38
C SER C 64 -6.24 26.25 18.01
N GLY C 65 -7.11 26.20 19.03
CA GLY C 65 -8.58 26.13 18.90
C GLY C 65 -9.17 27.38 18.28
N GLU C 66 -8.36 28.44 18.14
CA GLU C 66 -8.72 29.68 17.40
C GLU C 66 -9.55 29.33 16.17
N ARG C 67 -10.82 28.92 16.38
CA ARG C 67 -11.87 28.74 15.34
C ARG C 67 -12.10 30.09 14.64
N ASP C 68 -11.55 31.17 15.23
CA ASP C 68 -11.40 32.54 14.65
C ASP C 68 -10.45 32.44 13.44
N ARG C 69 -9.29 31.81 13.63
CA ARG C 69 -8.24 31.61 12.59
C ARG C 69 -8.88 30.87 11.40
N THR C 70 -9.51 29.73 11.66
CA THR C 70 -10.22 28.90 10.64
C THR C 70 -11.29 29.73 9.89
N HIS C 71 -12.03 30.60 10.60
CA HIS C 71 -13.06 31.49 10.01
C HIS C 71 -12.37 32.62 9.22
N SER C 72 -11.26 33.15 9.78
CA SER C 72 -10.39 34.19 9.17
C SER C 72 -9.93 33.70 7.79
N ILE C 73 -9.24 32.55 7.78
CA ILE C 73 -8.67 31.89 6.58
C ILE C 73 -9.81 31.61 5.58
N ILE C 74 -10.94 31.09 6.05
CA ILE C 74 -12.07 30.71 5.14
C ILE C 74 -12.53 32.00 4.46
N LYS C 75 -12.62 33.07 5.26
CA LYS C 75 -12.95 34.45 4.82
C LYS C 75 -11.97 34.83 3.70
N GLY C 76 -10.67 34.82 4.02
CA GLY C 76 -9.56 35.26 3.14
C GLY C 76 -9.38 34.40 1.90
N ILE C 77 -10.00 33.21 1.84
CA ILE C 77 -10.08 32.33 0.63
C ILE C 77 -11.29 32.75 -0.20
N LYS C 78 -12.41 32.97 0.45
CA LYS C 78 -13.70 33.31 -0.21
C LYS C 78 -13.59 34.71 -0.80
N ASP C 79 -12.66 35.54 -0.29
CA ASP C 79 -12.38 36.92 -0.75
C ASP C 79 -11.40 36.90 -1.94
N ARG C 80 -10.22 36.29 -1.75
CA ARG C 80 -9.02 36.42 -2.63
C ARG C 80 -9.16 35.57 -3.92
N THR C 81 -10.01 34.54 -3.93
CA THR C 81 -10.15 33.58 -5.06
C THR C 81 -11.61 33.43 -5.50
N GLY C 82 -12.56 33.55 -4.58
CA GLY C 82 -13.98 33.19 -4.83
C GLY C 82 -14.12 31.72 -5.16
N LEU C 83 -13.49 30.86 -4.36
CA LEU C 83 -13.66 29.38 -4.39
C LEU C 83 -14.51 28.97 -3.18
N GLU C 84 -15.38 27.96 -3.36
CA GLU C 84 -16.22 27.36 -2.30
C GLU C 84 -15.27 26.86 -1.20
N ALA C 85 -15.31 27.44 0.01
CA ALA C 85 -14.35 27.16 1.12
C ALA C 85 -15.07 26.53 2.31
N ALA C 86 -14.78 25.25 2.54
CA ALA C 86 -15.52 24.36 3.45
C ALA C 86 -14.71 24.24 4.75
N PRO C 87 -15.23 24.78 5.86
CA PRO C 87 -14.53 24.70 7.14
C PRO C 87 -14.79 23.39 7.89
N HIS C 88 -13.81 22.99 8.69
CA HIS C 88 -13.87 21.79 9.57
C HIS C 88 -14.46 22.20 10.91
N LEU C 89 -15.73 21.91 11.12
CA LEU C 89 -16.43 22.15 12.40
C LEU C 89 -16.40 20.87 13.26
N THR C 90 -15.64 20.90 14.35
CA THR C 90 -15.66 19.89 15.44
C THR C 90 -16.90 20.14 16.31
N CYS C 91 -17.22 19.22 17.22
CA CYS C 91 -18.24 19.37 18.29
C CYS C 91 -17.67 18.83 19.60
N ILE C 92 -16.49 19.34 19.98
CA ILE C 92 -15.78 19.01 21.24
C ILE C 92 -15.56 20.34 21.97
N ASP C 93 -16.22 20.52 23.12
CA ASP C 93 -16.18 21.76 23.95
C ASP C 93 -16.87 22.91 23.20
N ALA C 94 -17.86 22.56 22.36
CA ALA C 94 -18.88 23.48 21.79
C ALA C 94 -20.27 22.91 22.12
N THR C 95 -21.10 23.70 22.78
CA THR C 95 -22.50 23.32 23.15
C THR C 95 -23.35 23.36 21.90
N PRO C 96 -24.36 22.48 21.78
CA PRO C 96 -25.25 22.47 20.62
C PRO C 96 -25.61 23.88 20.14
N ASP C 97 -25.89 24.77 21.10
CA ASP C 97 -26.33 26.18 20.87
C ASP C 97 -25.19 26.97 20.23
N GLU C 98 -23.98 26.86 20.79
CA GLU C 98 -22.75 27.47 20.22
C GLU C 98 -22.75 27.13 18.73
N LEU C 99 -22.92 25.85 18.43
CA LEU C 99 -22.81 25.25 17.07
C LEU C 99 -23.88 25.85 16.17
N ARG C 100 -25.14 25.82 16.61
CA ARG C 100 -26.28 26.42 15.86
C ARG C 100 -25.92 27.86 15.43
N THR C 101 -25.36 28.64 16.37
CA THR C 101 -24.98 30.06 16.13
C THR C 101 -23.87 30.07 15.07
N ILE C 102 -22.82 29.26 15.25
CA ILE C 102 -21.67 29.13 14.30
C ILE C 102 -22.19 28.77 12.90
N ALA C 103 -23.21 27.92 12.85
CA ALA C 103 -23.79 27.38 11.60
C ALA C 103 -24.52 28.48 10.85
N ARG C 104 -25.09 29.46 11.58
CA ARG C 104 -25.86 30.61 11.00
C ARG C 104 -24.87 31.72 10.61
N ASP C 105 -23.95 32.08 11.52
CA ASP C 105 -22.75 32.92 11.23
C ASP C 105 -22.23 32.53 9.83
N TYR C 106 -21.93 31.24 9.63
CA TYR C 106 -21.26 30.68 8.41
C TYR C 106 -22.23 30.68 7.22
N TRP C 107 -23.46 30.20 7.39
CA TRP C 107 -24.44 30.07 6.28
C TRP C 107 -24.71 31.44 5.66
N ASN C 108 -24.70 32.49 6.50
CA ASN C 108 -25.05 33.90 6.16
C ASN C 108 -23.79 34.62 5.64
N ASN C 109 -22.59 34.18 6.05
CA ASN C 109 -21.29 34.64 5.49
C ASN C 109 -21.04 33.98 4.11
N GLY C 110 -21.97 33.16 3.61
CA GLY C 110 -21.90 32.51 2.28
C GLY C 110 -21.49 31.04 2.33
N ILE C 111 -20.82 30.63 3.42
CA ILE C 111 -20.29 29.25 3.67
C ILE C 111 -21.44 28.23 3.60
N ARG C 112 -21.66 27.60 2.43
CA ARG C 112 -22.80 26.66 2.17
C ARG C 112 -22.33 25.21 1.99
N HIS C 113 -21.29 24.80 2.74
CA HIS C 113 -20.63 23.47 2.75
C HIS C 113 -19.71 23.40 3.96
N ILE C 114 -19.93 22.45 4.86
CA ILE C 114 -19.12 22.27 6.09
C ILE C 114 -18.62 20.83 6.16
N VAL C 115 -17.41 20.66 6.72
CA VAL C 115 -16.84 19.32 7.02
C VAL C 115 -17.17 19.03 8.48
N ALA C 116 -18.12 18.11 8.68
CA ALA C 116 -18.68 17.73 10.00
C ALA C 116 -17.80 16.65 10.64
N LEU C 117 -17.13 17.00 11.72
CA LEU C 117 -16.24 16.08 12.47
C LEU C 117 -16.61 16.15 13.94
N ARG C 118 -16.18 15.17 14.73
CA ARG C 118 -16.35 15.18 16.19
C ARG C 118 -15.25 16.08 16.77
N GLY C 119 -14.00 15.85 16.37
CA GLY C 119 -12.79 16.41 17.03
C GLY C 119 -12.22 15.42 18.03
N ALA C 120 -10.93 15.48 18.31
CA ALA C 120 -10.24 14.57 19.26
C ALA C 120 -10.30 15.19 20.67
N LEU C 121 -10.12 14.38 21.72
CA LEU C 121 -9.85 14.87 23.11
C LEU C 121 -9.35 13.71 23.98
N PRO C 122 -8.34 13.94 24.87
CA PRO C 122 -7.84 12.90 25.78
C PRO C 122 -8.68 12.65 27.04
N PRO C 123 -8.68 11.39 27.57
CA PRO C 123 -9.54 11.02 28.70
C PRO C 123 -9.57 12.03 29.86
N GLY C 124 -10.24 13.17 29.64
CA GLY C 124 -10.28 14.32 30.56
C GLY C 124 -9.73 15.57 29.92
N PRO C 128 -16.37 12.33 23.15
CA PRO C 128 -16.95 11.54 24.23
C PRO C 128 -18.22 12.20 24.82
N GLU C 129 -18.52 13.42 24.36
CA GLU C 129 -19.74 14.18 24.73
C GLU C 129 -20.79 13.93 23.63
N MET C 130 -20.77 14.77 22.59
CA MET C 130 -21.62 14.71 21.36
C MET C 130 -20.83 13.99 20.26
N TYR C 131 -21.53 13.33 19.32
CA TYR C 131 -20.93 12.58 18.17
C TYR C 131 -21.32 13.25 16.85
N ALA C 132 -20.47 13.10 15.84
CA ALA C 132 -20.50 13.87 14.57
C ALA C 132 -21.82 13.64 13.82
N SER C 133 -22.41 12.43 13.89
CA SER C 133 -23.72 12.13 13.26
C SER C 133 -24.77 13.13 13.79
N ASP C 134 -24.73 13.40 15.11
CA ASP C 134 -25.61 14.40 15.80
C ASP C 134 -25.33 15.78 15.23
N LEU C 135 -24.05 16.19 15.24
CA LEU C 135 -23.58 17.46 14.62
C LEU C 135 -24.03 17.53 13.16
N VAL C 136 -24.05 16.41 12.42
CA VAL C 136 -24.57 16.38 11.03
C VAL C 136 -26.06 16.73 11.05
N THR C 137 -26.82 16.09 11.93
CA THR C 137 -28.30 16.29 12.04
C THR C 137 -28.55 17.77 12.39
N LEU C 138 -27.88 18.25 13.44
CA LEU C 138 -27.92 19.65 13.94
C LEU C 138 -27.74 20.60 12.76
N LEU C 139 -26.64 20.45 12.01
CA LEU C 139 -26.30 21.31 10.85
C LEU C 139 -27.39 21.17 9.79
N LYS C 140 -28.02 20.00 9.67
CA LYS C 140 -29.09 19.80 8.67
C LYS C 140 -30.32 20.62 9.10
N GLU C 141 -30.65 20.68 10.39
CA GLU C 141 -31.78 21.50 10.89
C GLU C 141 -31.54 22.97 10.52
N VAL C 142 -30.36 23.49 10.86
CA VAL C 142 -30.03 24.94 10.80
C VAL C 142 -30.14 25.45 9.37
N ALA C 143 -29.95 24.58 8.36
CA ALA C 143 -30.09 24.92 6.92
C ALA C 143 -29.70 23.72 6.06
N ASP C 144 -30.14 23.71 4.81
CA ASP C 144 -29.74 22.68 3.80
C ASP C 144 -28.31 22.97 3.36
N PHE C 145 -27.33 22.73 4.25
CA PHE C 145 -25.87 22.73 3.97
C PHE C 145 -25.49 21.58 3.02
N ASP C 146 -24.30 21.69 2.42
CA ASP C 146 -23.48 20.56 1.91
C ASP C 146 -22.65 20.03 3.07
N ILE C 147 -22.79 18.74 3.38
CA ILE C 147 -21.99 18.15 4.50
C ILE C 147 -21.12 17.02 3.93
N SER C 148 -19.85 17.12 4.25
CA SER C 148 -18.82 16.07 4.09
C SER C 148 -18.44 15.59 5.49
N VAL C 149 -18.10 14.31 5.61
CA VAL C 149 -17.75 13.67 6.90
C VAL C 149 -16.45 12.89 6.72
N ALA C 150 -15.79 12.52 7.81
CA ALA C 150 -14.55 11.69 7.78
C ALA C 150 -14.93 10.23 7.55
N ALA C 151 -14.15 9.53 6.73
CA ALA C 151 -14.20 8.07 6.54
C ALA C 151 -12.80 7.52 6.84
N TYR C 152 -12.71 6.29 7.34
CA TYR C 152 -11.44 5.69 7.86
C TYR C 152 -11.25 4.30 7.30
N PRO C 153 -10.56 4.17 6.15
CA PRO C 153 -10.43 2.86 5.50
C PRO C 153 -9.60 1.87 6.35
N GLU C 154 -8.80 2.36 7.29
CA GLU C 154 -7.98 1.49 8.17
C GLU C 154 -8.56 1.51 9.58
N VAL C 155 -9.77 2.04 9.74
CA VAL C 155 -10.54 2.11 11.02
C VAL C 155 -9.98 3.23 11.90
N HIS C 156 -10.88 4.12 12.36
CA HIS C 156 -10.62 5.17 13.37
C HIS C 156 -9.98 4.52 14.59
N PRO C 157 -8.92 5.08 15.20
CA PRO C 157 -8.17 4.40 16.27
C PRO C 157 -8.97 4.07 17.54
N GLU C 158 -10.03 4.85 17.80
CA GLU C 158 -10.89 4.79 19.01
C GLU C 158 -12.19 4.02 18.74
N ALA C 159 -12.39 3.52 17.54
CA ALA C 159 -13.64 2.79 17.17
C ALA C 159 -13.76 1.52 18.02
N LYS C 160 -14.97 1.19 18.45
CA LYS C 160 -15.24 -0.09 19.17
C LYS C 160 -14.74 -1.24 18.28
N SER C 161 -14.92 -1.09 16.97
CA SER C 161 -14.63 -2.12 15.94
C SER C 161 -14.75 -1.52 14.54
N ALA C 162 -14.21 -2.19 13.52
CA ALA C 162 -14.41 -1.84 12.10
C ALA C 162 -15.91 -1.79 11.82
N GLN C 163 -16.65 -2.78 12.32
CA GLN C 163 -18.10 -2.89 12.07
C GLN C 163 -18.80 -1.63 12.58
N ALA C 164 -18.35 -1.11 13.72
CA ALA C 164 -18.96 0.06 14.40
C ALA C 164 -18.58 1.32 13.65
N ASP C 165 -17.28 1.44 13.36
CA ASP C 165 -16.72 2.57 12.56
C ASP C 165 -17.61 2.67 11.32
N LEU C 166 -17.72 1.60 10.53
CA LEU C 166 -18.51 1.63 9.26
C LEU C 166 -19.97 2.01 9.56
N LEU C 167 -20.56 1.48 10.64
CA LEU C 167 -21.96 1.80 11.01
C LEU C 167 -22.07 3.29 11.30
N ASN C 168 -21.07 3.84 12.00
CA ASN C 168 -21.06 5.26 12.40
C ASN C 168 -21.03 6.09 11.12
N LEU C 169 -20.34 5.61 10.08
CA LEU C 169 -20.31 6.35 8.79
C LEU C 169 -21.71 6.25 8.18
N LYS C 170 -22.28 5.05 8.12
CA LYS C 170 -23.66 4.86 7.60
C LYS C 170 -24.58 5.84 8.35
N ARG C 171 -24.41 5.96 9.66
CA ARG C 171 -25.28 6.81 10.51
C ARG C 171 -25.20 8.24 9.98
N LYS C 172 -23.99 8.75 9.76
CA LYS C 172 -23.69 10.14 9.31
C LYS C 172 -24.30 10.39 7.92
N VAL C 173 -24.32 9.38 7.07
CA VAL C 173 -24.79 9.51 5.68
C VAL C 173 -26.30 9.64 5.73
N ASP C 174 -26.94 8.92 6.65
CA ASP C 174 -28.40 9.02 6.90
C ASP C 174 -28.69 10.39 7.55
N ALA C 175 -27.91 10.78 8.57
CA ALA C 175 -28.03 12.07 9.29
C ALA C 175 -27.93 13.24 8.29
N GLY C 176 -27.43 12.97 7.06
CA GLY C 176 -27.57 13.80 5.85
C GLY C 176 -26.23 14.21 5.25
N ALA C 177 -25.18 13.42 5.41
CA ALA C 177 -23.86 13.68 4.80
C ALA C 177 -23.93 13.39 3.29
N ASN C 178 -23.44 14.33 2.46
CA ASN C 178 -23.43 14.23 0.98
C ASN C 178 -22.29 13.34 0.51
N ARG C 179 -21.10 13.55 1.07
CA ARG C 179 -19.87 12.85 0.65
C ARG C 179 -19.01 12.60 1.89
N ALA C 180 -18.17 11.57 1.81
CA ALA C 180 -17.24 11.14 2.86
C ALA C 180 -15.83 11.27 2.31
N ILE C 181 -14.94 11.90 3.04
CA ILE C 181 -13.54 12.08 2.60
C ILE C 181 -12.67 11.23 3.51
N THR C 182 -11.83 10.38 2.93
CA THR C 182 -11.08 9.39 3.72
C THR C 182 -9.93 10.09 4.42
N GLN C 183 -9.51 9.58 5.57
CA GLN C 183 -8.13 9.72 6.06
C GLN C 183 -7.20 9.32 4.92
N PHE C 184 -5.93 9.69 5.03
CA PHE C 184 -4.89 9.28 4.06
C PHE C 184 -4.59 7.79 4.25
N PHE C 185 -3.90 7.24 3.25
CA PHE C 185 -3.46 5.84 3.20
C PHE C 185 -2.31 5.64 2.22
N PHE C 186 -1.46 4.65 2.46
CA PHE C 186 -0.40 4.24 1.50
C PHE C 186 -0.76 2.89 0.89
N ASP C 187 -1.60 2.11 1.56
CA ASP C 187 -2.16 0.87 0.97
C ASP C 187 -3.42 1.22 0.18
N VAL C 188 -3.28 1.39 -1.12
CA VAL C 188 -4.48 1.56 -2.00
C VAL C 188 -5.50 0.44 -1.79
N GLU C 189 -5.06 -0.81 -1.57
CA GLU C 189 -6.00 -1.96 -1.50
C GLU C 189 -6.92 -1.68 -0.32
N SER C 190 -6.39 -0.99 0.69
CA SER C 190 -7.10 -0.49 1.89
C SER C 190 -8.31 0.35 1.49
N TYR C 191 -8.08 1.51 0.86
CA TYR C 191 -9.14 2.41 0.32
C TYR C 191 -10.13 1.60 -0.55
N LEU C 192 -9.61 0.77 -1.43
CA LEU C 192 -10.44 0.08 -2.45
C LEU C 192 -11.38 -0.90 -1.75
N ARG C 193 -10.85 -1.64 -0.80
CA ARG C 193 -11.63 -2.65 -0.05
C ARG C 193 -12.73 -1.89 0.69
N PHE C 194 -12.33 -0.80 1.34
CA PHE C 194 -13.23 0.01 2.21
C PHE C 194 -14.44 0.44 1.40
N ARG C 195 -14.18 1.02 0.24
CA ARG C 195 -15.22 1.69 -0.59
C ARG C 195 -16.24 0.62 -1.00
N ASP C 196 -15.78 -0.62 -1.18
CA ASP C 196 -16.66 -1.77 -1.54
C ASP C 196 -17.61 -2.02 -0.37
N ARG C 197 -17.07 -2.18 0.84
CA ARG C 197 -17.86 -2.39 2.09
C ARG C 197 -18.90 -1.30 2.25
N CYS C 198 -18.55 -0.06 1.86
CA CYS C 198 -19.46 1.11 1.97
C CYS C 198 -20.68 0.85 1.10
N VAL C 199 -20.49 0.31 -0.12
CA VAL C 199 -21.61 0.04 -1.07
C VAL C 199 -22.43 -1.13 -0.50
N SER C 200 -21.75 -2.19 -0.05
CA SER C 200 -22.33 -3.44 0.52
C SER C 200 -23.21 -3.13 1.73
N ALA C 201 -23.00 -1.99 2.39
CA ALA C 201 -23.74 -1.57 3.60
C ALA C 201 -24.69 -0.42 3.22
N GLY C 202 -24.90 -0.24 1.92
CA GLY C 202 -25.88 0.74 1.41
C GLY C 202 -25.53 2.15 1.84
N ILE C 203 -24.30 2.57 1.56
CA ILE C 203 -23.83 3.99 1.66
C ILE C 203 -23.60 4.45 0.21
N ASP C 204 -24.52 5.25 -0.33
CA ASP C 204 -24.58 5.64 -1.76
C ASP C 204 -23.61 6.79 -2.07
N VAL C 205 -23.19 7.55 -1.05
CA VAL C 205 -22.39 8.80 -1.26
C VAL C 205 -21.00 8.44 -1.80
N GLU C 206 -20.38 9.45 -2.42
CA GLU C 206 -18.95 9.52 -2.83
C GLU C 206 -18.06 9.19 -1.64
N ILE C 207 -17.13 8.26 -1.80
CA ILE C 207 -16.02 8.05 -0.82
C ILE C 207 -14.76 8.61 -1.47
N ILE C 208 -14.52 9.91 -1.32
CA ILE C 208 -13.35 10.63 -1.90
C ILE C 208 -12.07 10.24 -1.16
N PRO C 209 -11.07 9.65 -1.83
CA PRO C 209 -9.81 9.37 -1.17
C PRO C 209 -9.11 10.68 -0.80
N GLY C 210 -8.67 10.76 0.47
CA GLY C 210 -7.71 11.75 0.96
C GLY C 210 -6.30 11.34 0.59
N ILE C 211 -5.59 12.17 -0.17
CA ILE C 211 -4.18 11.90 -0.59
C ILE C 211 -3.24 12.84 0.17
N LEU C 212 -2.25 12.30 0.86
CA LEU C 212 -1.24 13.11 1.57
C LEU C 212 0.08 12.88 0.85
N PRO C 213 0.50 13.79 -0.06
CA PRO C 213 1.85 13.78 -0.62
C PRO C 213 2.96 13.93 0.43
N VAL C 214 3.94 13.01 0.43
CA VAL C 214 4.96 12.87 1.48
C VAL C 214 6.32 13.27 0.94
N SER C 215 6.83 14.44 1.35
CA SER C 215 8.25 14.87 1.17
C SER C 215 8.98 14.83 2.52
N ASN C 216 8.25 14.90 3.62
CA ASN C 216 8.81 14.74 4.98
C ASN C 216 8.24 13.42 5.51
N PHE C 217 9.07 12.39 5.64
CA PHE C 217 8.66 11.02 6.06
C PHE C 217 8.47 11.02 7.58
N LYS C 218 9.54 11.36 8.32
CA LYS C 218 9.56 11.45 9.80
C LYS C 218 8.24 12.05 10.28
N GLN C 219 7.76 13.12 9.62
CA GLN C 219 6.47 13.75 9.94
C GLN C 219 5.34 12.76 9.63
N ALA C 220 5.24 12.28 8.39
CA ALA C 220 4.16 11.40 7.87
C ALA C 220 4.07 10.12 8.71
N LYS C 221 5.22 9.56 9.10
CA LYS C 221 5.32 8.35 9.98
C LYS C 221 4.67 8.69 11.32
N LYS C 222 4.93 9.89 11.87
CA LYS C 222 4.34 10.36 13.15
C LYS C 222 2.81 10.46 12.98
N PHE C 223 2.35 11.12 11.91
CA PHE C 223 0.91 11.28 11.56
C PHE C 223 0.26 9.89 11.42
N ALA C 224 0.89 8.99 10.68
CA ALA C 224 0.36 7.65 10.38
C ALA C 224 0.21 6.84 11.68
N ASP C 225 1.29 6.74 12.46
CA ASP C 225 1.37 5.92 13.71
C ASP C 225 0.31 6.36 14.70
N MET C 226 -0.03 7.65 14.70
CA MET C 226 -1.10 8.24 15.55
C MET C 226 -2.46 7.71 15.10
N THR C 227 -2.75 7.75 13.80
CA THR C 227 -4.08 7.42 13.24
C THR C 227 -4.18 5.95 12.80
N ASN C 228 -3.21 5.09 13.14
CA ASN C 228 -3.25 3.64 12.83
C ASN C 228 -3.35 3.43 11.31
N VAL C 229 -2.54 4.16 10.54
CA VAL C 229 -2.42 4.03 9.05
C VAL C 229 -1.16 3.21 8.76
N ARG C 230 -1.33 2.04 8.14
CA ARG C 230 -0.26 1.10 7.70
C ARG C 230 0.64 1.82 6.69
N ILE C 231 1.94 1.81 6.99
CA ILE C 231 3.02 2.32 6.10
C ILE C 231 3.72 1.10 5.54
N PRO C 232 3.46 0.73 4.25
CA PRO C 232 4.12 -0.42 3.64
C PRO C 232 5.62 -0.45 3.91
N ALA C 233 6.18 -1.67 3.93
CA ALA C 233 7.62 -1.95 3.97
C ALA C 233 8.30 -1.22 2.81
N TRP C 234 7.82 -1.42 1.57
CA TRP C 234 8.48 -0.89 0.35
C TRP C 234 8.66 0.63 0.45
N MET C 235 7.78 1.32 1.20
CA MET C 235 7.72 2.80 1.32
C MET C 235 8.64 3.30 2.46
N ALA C 236 8.84 2.57 3.54
CA ALA C 236 9.77 2.99 4.61
C ALA C 236 11.20 2.75 4.13
N GLN C 237 11.41 1.65 3.37
CA GLN C 237 12.66 1.30 2.66
C GLN C 237 12.95 2.37 1.59
N MET C 238 11.90 2.85 0.91
CA MET C 238 12.01 3.86 -0.17
C MET C 238 12.59 5.17 0.39
N PHE C 239 12.22 5.52 1.62
CA PHE C 239 12.57 6.80 2.28
C PHE C 239 13.79 6.60 3.18
N ASP C 240 14.12 5.36 3.47
CA ASP C 240 15.28 5.01 4.34
C ASP C 240 16.54 5.65 3.71
N GLY C 241 17.25 6.47 4.49
CA GLY C 241 18.54 7.07 4.13
C GLY C 241 18.40 8.37 3.35
N LEU C 242 17.32 9.14 3.55
CA LEU C 242 17.08 10.44 2.88
C LEU C 242 16.80 11.53 3.92
N ASP C 243 17.25 11.34 5.16
CA ASP C 243 16.97 12.29 6.27
C ASP C 243 17.36 13.72 5.84
N ASP C 244 18.55 13.94 5.27
CA ASP C 244 19.05 15.31 4.95
C ASP C 244 18.78 15.69 3.49
N ASP C 245 18.34 14.74 2.67
CA ASP C 245 18.19 14.93 1.20
C ASP C 245 16.74 15.26 0.88
N ALA C 246 16.33 16.52 1.07
CA ALA C 246 14.93 16.93 0.90
C ALA C 246 14.56 16.91 -0.58
N GLU C 247 15.53 17.14 -1.48
CA GLU C 247 15.21 17.16 -2.93
C GLU C 247 14.83 15.73 -3.32
N THR C 248 15.68 14.74 -3.05
CA THR C 248 15.40 13.32 -3.40
C THR C 248 14.06 12.89 -2.76
N ARG C 249 13.76 13.33 -1.54
CA ARG C 249 12.52 12.96 -0.81
C ARG C 249 11.28 13.44 -1.58
N LYS C 250 11.40 14.58 -2.27
CA LYS C 250 10.30 15.20 -3.04
C LYS C 250 10.01 14.37 -4.30
N LEU C 251 11.07 13.92 -5.00
CA LEU C 251 10.95 13.17 -6.28
C LEU C 251 10.33 11.79 -6.00
N VAL C 252 10.80 11.18 -4.92
CA VAL C 252 10.34 9.85 -4.44
C VAL C 252 8.92 9.97 -3.88
N GLY C 253 8.65 11.05 -3.13
CA GLY C 253 7.29 11.40 -2.65
C GLY C 253 6.28 11.56 -3.79
N ALA C 254 6.66 12.25 -4.85
CA ALA C 254 5.74 12.60 -5.96
C ALA C 254 5.39 11.33 -6.74
N ASN C 255 6.40 10.47 -6.92
CA ASN C 255 6.29 9.20 -7.67
C ASN C 255 5.23 8.35 -6.98
N ILE C 256 5.38 8.19 -5.67
CA ILE C 256 4.46 7.40 -4.81
C ILE C 256 3.05 7.94 -5.00
N ALA C 257 2.89 9.26 -4.86
CA ALA C 257 1.58 9.96 -4.90
C ALA C 257 1.01 9.83 -6.30
N MET C 258 1.84 10.10 -7.31
CA MET C 258 1.43 10.01 -8.73
C MET C 258 1.00 8.58 -9.06
N ASP C 259 1.75 7.58 -8.59
CA ASP C 259 1.41 6.15 -8.81
C ASP C 259 0.01 5.88 -8.26
N MET C 260 -0.22 6.28 -7.00
CA MET C 260 -1.46 5.96 -6.26
C MET C 260 -2.68 6.52 -7.00
N VAL C 261 -2.59 7.75 -7.50
CA VAL C 261 -3.74 8.45 -8.11
C VAL C 261 -3.91 7.94 -9.54
N LYS C 262 -2.86 7.39 -10.14
CA LYS C 262 -2.97 6.75 -11.48
C LYS C 262 -3.80 5.47 -11.32
N ILE C 263 -3.45 4.62 -10.36
CA ILE C 263 -4.23 3.41 -10.00
C ILE C 263 -5.67 3.82 -9.62
N LEU C 264 -5.83 4.65 -8.60
CA LEU C 264 -7.17 5.05 -8.12
C LEU C 264 -8.00 5.50 -9.33
N SER C 265 -7.37 6.21 -10.25
CA SER C 265 -8.01 6.75 -11.46
C SER C 265 -8.59 5.56 -12.23
N ARG C 266 -7.75 4.55 -12.47
CA ARG C 266 -8.10 3.31 -13.22
C ARG C 266 -9.28 2.64 -12.53
N GLU C 267 -9.42 2.80 -11.21
CA GLU C 267 -10.44 2.06 -10.41
C GLU C 267 -11.70 2.91 -10.21
N GLY C 268 -11.90 3.94 -11.02
CA GLY C 268 -13.16 4.71 -11.09
C GLY C 268 -13.27 5.79 -10.03
N VAL C 269 -12.16 6.16 -9.38
CA VAL C 269 -12.08 7.39 -8.55
C VAL C 269 -12.05 8.62 -9.46
N LYS C 270 -13.07 9.47 -9.37
CA LYS C 270 -13.21 10.70 -10.17
C LYS C 270 -12.92 11.93 -9.29
N ASP C 271 -12.68 11.75 -7.99
CA ASP C 271 -12.53 12.88 -7.04
C ASP C 271 -11.37 12.62 -6.08
N PHE C 272 -10.53 13.63 -5.86
CA PHE C 272 -9.33 13.53 -4.99
C PHE C 272 -9.30 14.70 -4.04
N HIS C 273 -8.94 14.44 -2.78
CA HIS C 273 -8.77 15.48 -1.73
C HIS C 273 -7.31 15.45 -1.31
N PHE C 274 -6.61 16.58 -1.35
CA PHE C 274 -5.15 16.63 -1.11
C PHE C 274 -4.87 17.33 0.20
N TYR C 275 -4.24 16.60 1.11
CA TYR C 275 -3.63 17.12 2.35
C TYR C 275 -2.40 17.87 1.88
N THR C 276 -2.61 19.13 1.47
CA THR C 276 -1.55 20.06 0.97
C THR C 276 -0.55 20.40 2.07
N LEU C 277 -0.90 20.31 3.36
CA LEU C 277 -0.05 20.79 4.48
C LEU C 277 0.42 22.22 4.18
N ASN C 278 -0.37 22.96 3.38
CA ASN C 278 -0.20 24.41 3.04
C ASN C 278 0.89 24.62 1.96
N ARG C 279 1.72 23.63 1.63
CA ARG C 279 2.70 23.70 0.51
C ARG C 279 1.95 23.26 -0.77
N ALA C 280 2.30 23.77 -1.97
CA ALA C 280 1.46 23.61 -3.20
C ALA C 280 2.15 22.76 -4.27
N GLU C 281 3.48 22.64 -4.26
CA GLU C 281 4.22 22.12 -5.44
C GLU C 281 3.76 20.69 -5.76
N MET C 282 3.84 19.77 -4.78
CA MET C 282 3.55 18.32 -4.99
C MET C 282 2.11 18.16 -5.44
N SER C 283 1.16 18.76 -4.73
CA SER C 283 -0.27 18.58 -5.08
C SER C 283 -0.50 19.11 -6.50
N TYR C 284 0.18 20.20 -6.88
CA TYR C 284 0.01 20.85 -8.21
C TYR C 284 0.47 19.87 -9.29
N ALA C 285 1.62 19.25 -9.04
CA ALA C 285 2.27 18.29 -9.94
C ALA C 285 1.35 17.07 -10.10
N ILE C 286 0.92 16.47 -8.99
CA ILE C 286 0.07 15.25 -9.00
C ILE C 286 -1.19 15.54 -9.82
N CYS C 287 -1.89 16.63 -9.50
CA CYS C 287 -3.10 17.10 -10.26
C CYS C 287 -2.78 17.18 -11.75
N HIS C 288 -1.58 17.68 -12.06
CA HIS C 288 -1.11 17.80 -13.45
C HIS C 288 -1.21 16.42 -14.12
N THR C 289 -0.63 15.39 -13.51
CA THR C 289 -0.57 14.01 -14.04
C THR C 289 -1.99 13.42 -14.11
N LEU C 290 -3.00 14.02 -13.48
CA LEU C 290 -4.41 13.57 -13.56
C LEU C 290 -5.15 14.29 -14.71
N GLY C 291 -4.52 15.28 -15.36
CA GLY C 291 -5.17 16.12 -16.39
C GLY C 291 -6.02 17.23 -15.80
N VAL C 292 -5.69 17.65 -14.57
CA VAL C 292 -6.27 18.85 -13.90
C VAL C 292 -5.26 19.99 -14.05
N ARG C 293 -5.51 20.90 -15.02
CA ARG C 293 -4.59 22.00 -15.41
C ARG C 293 -5.37 23.30 -15.60
N PRO C 294 -4.71 24.49 -15.56
CA PRO C 294 -5.42 25.79 -15.55
C PRO C 294 -6.26 26.09 -16.79
PA FAD D . 27.20 1.89 -36.45
O1A FAD D . 28.27 1.59 -37.45
O2A FAD D . 26.90 0.84 -35.44
O5B FAD D . 25.84 2.27 -37.23
C5B FAD D . 25.65 3.60 -37.82
C4B FAD D . 24.71 3.50 -38.99
O4B FAD D . 25.38 2.84 -40.09
C3B FAD D . 23.42 2.71 -38.75
O3B FAD D . 22.34 3.26 -39.49
C2B FAD D . 23.80 1.32 -39.28
O2B FAD D . 22.65 0.55 -39.60
C1B FAD D . 24.64 1.71 -40.51
N9A FAD D . 25.57 0.69 -41.01
C8A FAD D . 26.23 -0.28 -40.30
N7A FAD D . 26.99 -1.05 -41.06
C5A FAD D . 26.81 -0.55 -42.34
C6A FAD D . 27.33 -0.94 -43.59
N6A FAD D . 28.18 -1.95 -43.76
N1A FAD D . 26.94 -0.22 -44.68
C2A FAD D . 26.07 0.79 -44.50
N3A FAD D . 25.52 1.24 -43.38
C4A FAD D . 25.93 0.52 -42.32
N1 FAD D . 27.70 10.44 -30.91
C2 FAD D . 28.85 11.16 -30.79
O2 FAD D . 29.22 11.94 -31.68
N3 FAD D . 29.66 11.07 -29.69
C4 FAD D . 29.35 10.24 -28.64
O4 FAD D . 30.10 10.19 -27.68
C4X FAD D . 28.19 9.44 -28.75
N5 FAD D . 27.90 8.60 -27.78
C5X FAD D . 26.80 7.80 -27.91
C6 FAD D . 26.54 6.88 -26.88
C7 FAD D . 25.47 6.01 -26.93
C7M FAD D . 25.26 5.03 -25.81
C8 FAD D . 24.58 6.07 -28.03
C8M FAD D . 23.39 5.17 -28.11
C9 FAD D . 24.82 7.00 -29.06
C9A FAD D . 25.93 7.87 -29.03
N10 FAD D . 26.24 8.80 -30.04
C10 FAD D . 27.39 9.59 -29.95
C1' FAD D . 25.40 8.91 -31.25
C2' FAD D . 25.85 8.00 -32.40
O2' FAD D . 27.27 7.86 -32.42
C3' FAD D . 25.41 8.48 -33.79
O3' FAD D . 23.98 8.49 -33.90
C4' FAD D . 25.98 7.67 -34.97
O4' FAD D . 25.34 8.11 -36.16
C5' FAD D . 25.81 6.18 -34.84
O5' FAD D . 27.06 5.47 -34.50
P FAD D . 27.04 3.87 -34.27
O1P FAD D . 28.02 3.47 -33.22
O2P FAD D . 25.60 3.50 -34.10
O3P FAD D . 27.51 3.26 -35.68
PA FAD E . -29.69 -18.79 19.87
O1A FAD E . -30.83 -18.50 20.80
O2A FAD E . -28.81 -17.64 19.53
O5B FAD E . -30.24 -19.49 18.53
C5B FAD E . -30.71 -20.86 18.50
C4B FAD E . -31.83 -20.98 17.47
O4B FAD E . -33.04 -20.38 18.03
C3B FAD E . -31.60 -20.27 16.14
O3B FAD E . -32.16 -21.02 15.09
C2B FAD E . -32.29 -18.93 16.37
O2B FAD E . -32.61 -18.24 15.18
C1B FAD E . -33.52 -19.39 17.14
N9A FAD E . -34.20 -18.34 17.91
C8A FAD E . -33.62 -17.26 18.54
N7A FAD E . -34.50 -16.49 19.13
C5A FAD E . -35.72 -17.09 18.88
C6A FAD E . -37.05 -16.75 19.23
N6A FAD E . -37.34 -15.67 19.96
N1A FAD E . -38.04 -17.57 18.81
C2A FAD E . -37.72 -18.66 18.08
N3A FAD E . -36.53 -19.07 17.68
C4A FAD E . -35.56 -18.23 18.12
N1 FAD E . -23.19 -26.01 21.94
C2 FAD E . -23.09 -26.56 23.18
O2 FAD E . -23.90 -27.44 23.54
N3 FAD E . -22.11 -26.20 24.06
C4 FAD E . -21.17 -25.24 23.75
O4 FAD E . -20.32 -24.92 24.58
C4X FAD E . -21.27 -24.62 22.47
N5 FAD E . -20.40 -23.69 22.15
C5X FAD E . -20.53 -23.07 20.93
C6 FAD E . -19.61 -22.06 20.60
C7 FAD E . -19.68 -21.37 19.41
C7M FAD E . -18.69 -20.28 19.14
C8 FAD E . -20.68 -21.74 18.47
C8M FAD E . -20.77 -21.05 17.13
C9 FAD E . -21.57 -22.76 18.76
C9A FAD E . -21.53 -23.44 20.00
N10 FAD E . -22.41 -24.46 20.35
C10 FAD E . -22.33 -25.07 21.60
C1' FAD E . -23.50 -24.85 19.43
C2' FAD E . -24.78 -24.08 19.75
O2' FAD E . -25.02 -24.05 21.16
C3' FAD E . -25.98 -24.72 19.04
O3' FAD E . -25.94 -24.39 17.64
C4' FAD E . -27.36 -24.34 19.61
O4' FAD E . -28.32 -25.20 18.99
C5' FAD E . -27.77 -22.89 19.36
O5' FAD E . -27.26 -21.93 20.37
P FAD E . -27.26 -20.35 20.05
O1P FAD E . -26.35 -19.57 20.93
O2P FAD E . -27.06 -20.15 18.59
O3P FAD E . -28.77 -19.99 20.41
PA FAD F . -16.92 10.38 14.56
O1A FAD F . -17.90 10.59 15.67
O2A FAD F . -17.47 10.06 13.21
O5B FAD F . -15.81 9.27 14.98
C5B FAD F . -15.12 9.28 16.27
C4B FAD F . -15.06 7.89 16.86
O4B FAD F . -16.20 7.66 17.76
C3B FAD F . -15.12 6.72 15.87
O3B FAD F . -14.29 5.67 16.34
C2B FAD F . -16.61 6.37 15.86
O2B FAD F . -16.89 5.11 15.32
C1B FAD F . -16.89 6.50 17.36
N9A FAD F . -18.33 6.63 17.71
C8A FAD F . -19.31 7.26 16.97
N7A FAD F . -20.49 7.19 17.55
C5A FAD F . -20.28 6.46 18.70
C6A FAD F . -21.15 6.05 19.74
N6A FAD F . -22.44 6.32 19.75
N1A FAD F . -20.60 5.33 20.76
C2A FAD F . -19.29 5.07 20.75
N3A FAD F . -18.38 5.42 19.83
C4A FAD F . -18.94 6.11 18.83
N1 FAD F . -9.65 16.68 13.25
C2 FAD F . -9.70 17.95 13.70
O2 FAD F . -9.56 18.20 14.90
N3 FAD F . -9.86 19.02 12.86
C4 FAD F . -10.02 18.85 11.50
O4 FAD F . -10.18 19.83 10.78
C4X FAD F . -10.05 17.54 10.99
N5 FAD F . -10.25 17.37 9.71
C5X FAD F . -10.33 16.08 9.25
C6 FAD F . -10.60 15.88 7.89
C7 FAD F . -10.73 14.61 7.36
C7M FAD F . -11.05 14.47 5.89
C8 FAD F . -10.53 13.49 8.20
C8M FAD F . -10.63 12.09 7.66
C9 FAD F . -10.23 13.68 9.53
C9A FAD F . -10.14 14.96 10.10
N10 FAD F . -9.87 15.19 11.46
C10 FAD F . -9.86 16.48 11.96
C1' FAD F . -9.70 14.07 12.40
C2' FAD F . -10.95 13.79 13.24
O2' FAD F . -11.59 15.00 13.68
C3' FAD F . -10.54 12.96 14.46
O3' FAD F . -10.01 11.73 13.99
C4' FAD F . -11.67 12.70 15.47
O4' FAD F . -11.09 11.97 16.55
C5' FAD F . -12.85 11.92 14.92
O5' FAD F . -13.75 12.69 14.05
P FAD F . -14.92 11.94 13.21
O1P FAD F . -15.56 12.82 12.18
O2P FAD F . -14.41 10.60 12.77
O3P FAD F . -15.98 11.66 14.37
#